data_6UIQ
#
_entry.id   6UIQ
#
_cell.length_a   171.874
_cell.length_b   171.874
_cell.length_c   99.447
_cell.angle_alpha   90.000
_cell.angle_beta   90.000
_cell.angle_gamma   90.000
#
_symmetry.space_group_name_H-M   'P 41 21 2'
#
loop_
_entity.id
_entity.type
_entity.pdbx_description
1 polymer phosphoglucomutase-1
2 non-polymer 6-O-phosphono-alpha-D-glucopyranose
3 non-polymer 'MAGNESIUM ION'
4 water water
#
_entity_poly.entity_id   1
_entity_poly.type   'polypeptide(L)'
_entity_poly.pdbx_seq_one_letter_code
;MHHHHHHSSGVDLGTENLYFQSNMVKIVTVKTQAYQDQKPGTSGLRKRVKVFQSSANYAENFIQSIISTVEPAQRQEATL
VVGGDGRFYMKEAIQLIARIAAANGIGRLVIGQNGILSTPAVSCIIRKIKAIGGIILTASHNPGGPNGDFGIKFNISNGG
PAPEAITDKIFQISKTIEEYAVCPDLKVDLGVLGKQQFDLENKFKPFTVEIVDSVEAYATMLRSIFDFSALKELLSGPNR
LKIRIDAMHGVVGPYVKKILCEELGAPANSAVNCVPLEDFGGHHPDPNLTYAADLVETMKSGEHDFGAAFDGDGDRNMIL
GKHGFFVNPSDSVAVIAANIFSIPYFQQTGVRGFARSMPTSGALDRVASATKIALYETPTGWKFFGNLMDASKLSLCGEE
SFGTGSDHIREKDGLWAVLAWLSILATRKQSVEDILKDHWQKYGRNFFTRYDYEEVEAEGANKMMKDLEALMFDRSFVGK
QFSANDKVYTVEKADNFEYSDPVDGSISRNQGLRLIFTDGSRIVFRLSGTGSAGATIRLYIDSYEKDVAKINQDPQVMLA
PLISIALKVSQLQERTGRTAPTVIT
;
_entity_poly.pdbx_strand_id   B,A
#
loop_
_chem_comp.id
_chem_comp.type
_chem_comp.name
_chem_comp.formula
G6P D-saccharide, alpha linking 6-O-phosphono-alpha-D-glucopyranose 'C6 H13 O9 P'
MG non-polymer 'MAGNESIUM ION' 'Mg 2'
#
# COMPACT_ATOMS: atom_id res chain seq x y z
N SER A 22 11.87 4.19 -51.24
CA SER A 22 11.24 5.10 -50.28
C SER A 22 11.49 4.67 -48.83
N ASN A 23 12.32 3.65 -48.63
CA ASN A 23 12.89 3.43 -47.31
C ASN A 23 14.31 3.96 -47.20
N MET A 24 14.91 4.44 -48.29
CA MET A 24 16.19 5.14 -48.28
C MET A 24 15.97 6.61 -48.61
N VAL A 25 16.41 7.50 -47.72
CA VAL A 25 16.07 8.92 -47.82
C VAL A 25 17.29 9.79 -47.47
N LYS A 26 17.39 10.94 -48.14
CA LYS A 26 18.48 11.89 -47.92
C LYS A 26 18.22 12.76 -46.69
N ILE A 27 19.32 13.24 -46.09
CA ILE A 27 19.29 14.22 -45.00
C ILE A 27 19.71 15.56 -45.57
N VAL A 28 18.85 16.57 -45.45
CA VAL A 28 19.18 17.89 -45.97
C VAL A 28 19.09 18.93 -44.86
N THR A 29 19.82 20.01 -45.04
CA THR A 29 19.78 21.15 -44.13
C THR A 29 18.95 22.25 -44.77
N VAL A 30 17.95 22.72 -44.04
CA VAL A 30 17.10 23.82 -44.47
C VAL A 30 17.45 25.06 -43.68
N LYS A 31 17.80 26.13 -44.38
CA LYS A 31 17.89 27.44 -43.76
C LYS A 31 16.49 27.91 -43.39
N THR A 32 16.34 28.44 -42.17
CA THR A 32 15.07 28.92 -41.68
C THR A 32 15.25 30.27 -40.99
N GLN A 33 14.14 30.95 -40.72
CA GLN A 33 14.13 32.18 -39.94
C GLN A 33 13.43 31.92 -38.60
N ALA A 34 14.04 32.41 -37.51
CA ALA A 34 13.47 32.18 -36.19
C ALA A 34 12.23 33.02 -35.96
N TYR A 35 11.30 32.46 -35.20
CA TYR A 35 10.21 33.22 -34.63
C TYR A 35 10.59 33.56 -33.20
N GLN A 36 9.93 34.59 -32.65
CA GLN A 36 10.26 35.08 -31.32
C GLN A 36 9.28 34.64 -30.24
N ASP A 37 8.18 33.95 -30.62
CA ASP A 37 7.10 33.70 -29.67
C ASP A 37 6.87 32.21 -29.42
N GLN A 38 7.81 31.36 -29.77
CA GLN A 38 7.60 29.92 -29.63
C GLN A 38 7.94 29.48 -28.20
N LYS A 39 7.15 29.99 -27.27
CA LYS A 39 7.37 29.86 -25.83
C LYS A 39 6.44 28.80 -25.26
N PRO A 40 6.91 27.57 -25.01
CA PRO A 40 6.07 26.59 -24.30
C PRO A 40 5.74 27.06 -22.88
N GLY A 41 4.50 26.86 -22.49
CA GLY A 41 4.09 27.07 -21.14
C GLY A 41 4.08 25.77 -20.37
N THR A 42 3.27 25.72 -19.32
CA THR A 42 3.07 24.48 -18.61
C THR A 42 2.48 23.41 -19.53
N SER A 43 1.68 23.80 -20.53
CA SER A 43 0.92 22.85 -21.32
C SER A 43 1.34 22.84 -22.79
N GLY A 44 2.50 23.39 -23.12
CA GLY A 44 3.01 23.33 -24.47
C GLY A 44 2.84 24.63 -25.24
N LEU A 45 3.24 24.56 -26.49
CA LEU A 45 3.10 25.68 -27.43
C LEU A 45 1.75 25.56 -28.12
N ARG A 46 0.85 26.52 -27.87
CA ARG A 46 -0.46 26.54 -28.49
C ARG A 46 -0.59 27.78 -29.37
N LYS A 47 -0.80 27.59 -30.67
CA LYS A 47 -1.10 28.68 -31.58
C LYS A 47 -2.31 28.28 -32.42
N ARG A 48 -2.93 29.27 -33.06
CA ARG A 48 -3.99 28.95 -34.01
C ARG A 48 -3.41 28.14 -35.17
N VAL A 49 -4.21 27.19 -35.68
CA VAL A 49 -3.78 26.37 -36.81
C VAL A 49 -3.26 27.25 -37.93
N LYS A 50 -4.03 28.29 -38.29
CA LYS A 50 -3.61 29.17 -39.40
C LYS A 50 -2.23 29.76 -39.19
N VAL A 51 -1.80 29.93 -37.93
CA VAL A 51 -0.43 30.39 -37.68
C VAL A 51 0.57 29.33 -38.08
N PHE A 52 0.36 28.09 -37.62
CA PHE A 52 1.22 26.99 -38.02
C PHE A 52 1.27 26.86 -39.54
N GLN A 53 0.13 27.02 -40.21
CA GLN A 53 0.10 26.84 -41.65
C GLN A 53 0.77 27.99 -42.38
N SER A 54 0.49 29.23 -41.97
CA SER A 54 0.92 30.38 -42.75
C SER A 54 2.29 30.92 -42.36
N SER A 55 2.85 30.48 -41.22
CA SER A 55 4.21 30.88 -40.84
C SER A 55 5.16 29.76 -41.28
N ALA A 56 5.91 30.04 -42.34
CA ALA A 56 6.86 29.08 -42.91
C ALA A 56 7.80 28.54 -41.84
N ASN A 57 7.89 27.22 -41.76
CA ASN A 57 8.80 26.52 -40.85
C ASN A 57 8.48 26.76 -39.39
N TYR A 58 7.27 27.22 -39.06
CA TYR A 58 6.92 27.46 -37.67
C TYR A 58 7.02 26.16 -36.87
N ALA A 59 6.37 25.09 -37.35
CA ALA A 59 6.44 23.81 -36.65
C ALA A 59 7.83 23.20 -36.75
N GLU A 60 8.46 23.31 -37.93
CA GLU A 60 9.79 22.73 -38.09
C GLU A 60 10.79 23.32 -37.12
N ASN A 61 10.83 24.66 -37.04
CA ASN A 61 11.69 25.34 -36.07
C ASN A 61 11.47 24.78 -34.67
N PHE A 62 10.21 24.68 -34.26
CA PHE A 62 9.93 24.28 -32.89
C PHE A 62 10.31 22.82 -32.66
N ILE A 63 9.99 21.93 -33.60
CA ILE A 63 10.35 20.52 -33.46
C ILE A 63 11.86 20.35 -33.40
N GLN A 64 12.58 21.00 -34.31
CA GLN A 64 14.03 21.03 -34.26
C GLN A 64 14.54 21.52 -32.92
N SER A 65 13.90 22.57 -32.37
CA SER A 65 14.33 23.15 -31.10
C SER A 65 14.19 22.14 -29.95
N ILE A 66 13.10 21.37 -29.94
CA ILE A 66 12.93 20.33 -28.94
C ILE A 66 14.06 19.31 -29.03
N ILE A 67 14.34 18.85 -30.25
CA ILE A 67 15.32 17.80 -30.43
C ILE A 67 16.71 18.31 -30.11
N SER A 68 16.99 19.58 -30.42
CA SER A 68 18.31 20.12 -30.10
C SER A 68 18.60 20.07 -28.60
N THR A 69 17.57 19.99 -27.75
CA THR A 69 17.82 19.81 -26.32
C THR A 69 18.38 18.43 -25.99
N VAL A 70 18.33 17.47 -26.90
CA VAL A 70 18.89 16.14 -26.65
C VAL A 70 20.32 16.12 -27.16
N GLU A 71 21.26 15.81 -26.29
CA GLU A 71 22.67 15.80 -26.68
C GLU A 71 22.86 14.81 -27.83
N PRO A 72 23.58 15.19 -28.90
CA PRO A 72 23.76 14.25 -30.03
C PRO A 72 24.20 12.85 -29.62
N ALA A 73 25.12 12.72 -28.66
CA ALA A 73 25.59 11.40 -28.26
C ALA A 73 24.49 10.52 -27.69
N GLN A 74 23.38 11.11 -27.24
CA GLN A 74 22.28 10.36 -26.66
C GLN A 74 21.13 10.10 -27.62
N ARG A 75 21.25 10.50 -28.89
CA ARG A 75 20.09 10.45 -29.77
C ARG A 75 19.86 9.08 -30.40
N GLN A 76 20.94 8.38 -30.75
CA GLN A 76 20.80 7.12 -31.46
C GLN A 76 20.05 6.10 -30.63
N GLU A 77 20.37 5.98 -29.34
CA GLU A 77 19.69 5.05 -28.44
C GLU A 77 18.39 5.61 -27.86
N ALA A 78 18.00 6.83 -28.21
CA ALA A 78 16.80 7.44 -27.67
C ALA A 78 15.56 6.99 -28.45
N THR A 79 14.43 6.87 -27.74
CA THR A 79 13.10 6.73 -28.33
C THR A 79 12.25 7.93 -27.92
N LEU A 80 11.53 8.52 -28.87
CA LEU A 80 10.50 9.52 -28.56
C LEU A 80 9.12 8.95 -28.85
N VAL A 81 8.20 9.18 -27.95
CA VAL A 81 6.82 8.78 -28.16
C VAL A 81 6.07 9.97 -28.76
N VAL A 82 5.26 9.72 -29.78
CA VAL A 82 4.57 10.78 -30.51
C VAL A 82 3.11 10.39 -30.73
N GLY A 83 2.20 11.30 -30.45
CA GLY A 83 0.79 11.09 -30.70
C GLY A 83 0.03 12.35 -30.35
N GLY A 84 -1.26 12.34 -30.66
CA GLY A 84 -2.04 13.50 -30.32
C GLY A 84 -3.51 13.18 -30.31
N ASP A 85 -4.30 14.24 -30.20
CA ASP A 85 -5.72 14.09 -29.93
C ASP A 85 -6.56 14.04 -31.18
N GLY A 86 -5.95 14.02 -32.37
CA GLY A 86 -6.70 13.79 -33.58
C GLY A 86 -7.16 15.04 -34.28
N ARG A 87 -6.90 16.21 -33.71
CA ARG A 87 -7.38 17.47 -34.26
C ARG A 87 -6.71 17.74 -35.61
N PHE A 88 -7.38 18.61 -36.37
CA PHE A 88 -6.84 19.05 -37.65
C PHE A 88 -5.40 19.50 -37.49
N TYR A 89 -4.57 19.11 -38.46
CA TYR A 89 -3.16 19.44 -38.64
C TYR A 89 -2.23 18.44 -37.93
N MET A 90 -2.77 17.52 -37.12
CA MET A 90 -1.94 16.63 -36.32
C MET A 90 -1.11 15.69 -37.17
N LYS A 91 -1.70 15.10 -38.22
CA LYS A 91 -0.94 14.12 -39.00
C LYS A 91 0.17 14.81 -39.79
N GLU A 92 -0.11 16.00 -40.34
CA GLU A 92 0.97 16.72 -41.00
C GLU A 92 2.11 17.00 -40.02
N ALA A 93 1.76 17.38 -38.79
CA ALA A 93 2.79 17.65 -37.78
C ALA A 93 3.56 16.40 -37.40
N ILE A 94 2.88 15.25 -37.30
CA ILE A 94 3.60 14.02 -36.94
C ILE A 94 4.59 13.64 -38.04
N GLN A 95 4.22 13.84 -39.30
CA GLN A 95 5.14 13.54 -40.40
C GLN A 95 6.38 14.41 -40.28
N LEU A 96 6.18 15.68 -39.93
CA LEU A 96 7.27 16.61 -39.78
C LEU A 96 8.19 16.22 -38.62
N ILE A 97 7.61 15.77 -37.51
CA ILE A 97 8.40 15.26 -36.39
C ILE A 97 9.28 14.09 -36.85
N ALA A 98 8.68 13.13 -37.56
CA ALA A 98 9.46 12.00 -38.05
C ALA A 98 10.57 12.46 -39.00
N ARG A 99 10.23 13.36 -39.92
CA ARG A 99 11.23 13.81 -40.89
C ARG A 99 12.42 14.48 -40.21
N ILE A 100 12.15 15.27 -39.16
CA ILE A 100 13.22 15.97 -38.46
C ILE A 100 13.92 15.05 -37.45
N ALA A 101 13.15 14.25 -36.69
CA ALA A 101 13.75 13.30 -35.75
C ALA A 101 14.74 12.39 -36.45
N ALA A 102 14.30 11.78 -37.56
CA ALA A 102 15.19 10.96 -38.37
C ALA A 102 16.47 11.71 -38.72
N ALA A 103 16.33 12.90 -39.31
CA ALA A 103 17.51 13.58 -39.81
C ALA A 103 18.45 14.05 -38.70
N ASN A 104 17.94 14.19 -37.48
CA ASN A 104 18.76 14.59 -36.34
C ASN A 104 19.38 13.42 -35.60
N GLY A 105 19.18 12.17 -36.06
CA GLY A 105 19.79 11.04 -35.43
C GLY A 105 19.04 10.47 -34.26
N ILE A 106 17.79 10.89 -34.04
CA ILE A 106 16.92 10.19 -33.11
C ILE A 106 16.69 8.76 -33.61
N GLY A 107 16.95 7.80 -32.72
CA GLY A 107 16.96 6.40 -33.14
C GLY A 107 15.58 5.86 -33.48
N ARG A 108 14.57 6.22 -32.69
CA ARG A 108 13.29 5.54 -32.83
C ARG A 108 12.14 6.42 -32.38
N LEU A 109 11.04 6.39 -33.13
CA LEU A 109 9.79 6.98 -32.68
C LEU A 109 8.77 5.87 -32.46
N VAL A 110 8.04 5.96 -31.36
CA VAL A 110 6.87 5.14 -31.13
C VAL A 110 5.64 6.04 -31.29
N ILE A 111 4.78 5.70 -32.23
CA ILE A 111 3.66 6.55 -32.63
C ILE A 111 2.36 5.76 -32.52
N GLY A 112 1.33 6.38 -31.96
CA GLY A 112 0.03 5.74 -31.94
C GLY A 112 -0.55 5.61 -33.34
N GLN A 113 -1.27 4.51 -33.55
CA GLN A 113 -1.92 4.29 -34.83
C GLN A 113 -2.78 5.49 -35.21
N ASN A 114 -2.65 5.92 -36.47
CA ASN A 114 -3.34 7.10 -36.99
C ASN A 114 -2.89 8.38 -36.29
N GLY A 115 -1.76 8.33 -35.58
CA GLY A 115 -1.28 9.42 -34.78
C GLY A 115 -1.96 9.56 -33.45
N ILE A 116 -2.90 8.67 -33.13
CA ILE A 116 -3.79 8.84 -31.99
C ILE A 116 -3.11 8.30 -30.73
N LEU A 117 -2.92 9.18 -29.74
CA LEU A 117 -2.53 8.77 -28.39
C LEU A 117 -3.11 9.78 -27.41
N SER A 118 -3.93 9.32 -26.46
CA SER A 118 -4.35 10.24 -25.41
C SER A 118 -3.13 10.70 -24.62
N THR A 119 -3.29 11.83 -23.92
CA THR A 119 -2.18 12.36 -23.14
C THR A 119 -1.83 11.40 -22.02
N PRO A 120 -2.79 10.79 -21.32
CA PRO A 120 -2.39 9.72 -20.37
C PRO A 120 -1.70 8.53 -21.03
N ALA A 121 -2.10 8.15 -22.25
CA ALA A 121 -1.43 7.03 -22.92
C ALA A 121 0.03 7.36 -23.22
N VAL A 122 0.31 8.58 -23.69
CA VAL A 122 1.70 8.94 -23.96
C VAL A 122 2.54 8.82 -22.70
N SER A 123 1.99 9.30 -21.58
CA SER A 123 2.71 9.19 -20.31
C SER A 123 2.96 7.74 -19.95
N CYS A 124 1.94 6.91 -20.13
CA CYS A 124 2.03 5.48 -19.85
C CYS A 124 3.16 4.85 -20.66
N ILE A 125 3.18 5.14 -21.97
CA ILE A 125 4.11 4.49 -22.89
C ILE A 125 5.53 4.99 -22.64
N ILE A 126 5.72 6.29 -22.46
CA ILE A 126 7.06 6.79 -22.12
C ILE A 126 7.62 6.01 -20.95
N ARG A 127 6.82 5.85 -19.89
CA ARG A 127 7.33 5.20 -18.69
C ARG A 127 7.49 3.70 -18.90
N LYS A 128 6.60 3.07 -19.67
CA LYS A 128 6.69 1.63 -19.91
C LYS A 128 7.96 1.26 -20.66
N ILE A 129 8.27 1.98 -21.75
CA ILE A 129 9.40 1.64 -22.59
C ILE A 129 10.63 2.48 -22.29
N LYS A 130 10.55 3.36 -21.31
CA LYS A 130 11.70 4.16 -20.90
C LYS A 130 12.20 5.02 -22.09
N ALA A 131 11.26 5.64 -22.79
CA ALA A 131 11.58 6.65 -23.77
C ALA A 131 12.22 7.87 -23.08
N ILE A 132 13.01 8.63 -23.85
CA ILE A 132 13.55 9.85 -23.28
C ILE A 132 12.47 10.91 -23.12
N GLY A 133 11.35 10.78 -23.82
CA GLY A 133 10.28 11.75 -23.68
C GLY A 133 9.22 11.54 -24.73
N GLY A 134 8.42 12.57 -24.96
CA GLY A 134 7.38 12.48 -25.97
C GLY A 134 6.91 13.86 -26.41
N ILE A 135 6.37 13.88 -27.62
CA ILE A 135 5.79 15.07 -28.22
C ILE A 135 4.32 14.78 -28.45
N ILE A 136 3.45 15.52 -27.74
CA ILE A 136 2.01 15.30 -27.79
C ILE A 136 1.37 16.39 -28.64
N LEU A 137 0.63 15.99 -29.66
CA LEU A 137 0.02 16.95 -30.59
C LEU A 137 -1.40 17.20 -30.10
N THR A 138 -1.54 18.15 -29.17
CA THR A 138 -2.84 18.44 -28.62
C THR A 138 -2.86 19.85 -28.07
N ALA A 139 -3.99 20.52 -28.25
CA ALA A 139 -4.29 21.76 -27.53
C ALA A 139 -5.38 21.52 -26.49
N SER A 140 -5.48 20.28 -26.00
CA SER A 140 -6.33 19.89 -24.88
C SER A 140 -7.82 20.17 -25.12
N HIS A 141 -8.39 21.12 -24.39
CA HIS A 141 -9.82 21.41 -24.45
C HIS A 141 -10.12 22.61 -25.34
N ASN A 142 -9.10 23.19 -25.95
CA ASN A 142 -9.31 24.28 -26.90
C ASN A 142 -9.81 23.71 -28.24
N PRO A 143 -10.63 24.46 -28.97
CA PRO A 143 -11.23 23.92 -30.20
C PRO A 143 -10.14 23.62 -31.23
N GLY A 144 -10.49 22.74 -32.16
CA GLY A 144 -9.62 22.45 -33.29
C GLY A 144 -10.40 22.50 -34.59
N GLY A 145 -9.71 22.16 -35.66
CA GLY A 145 -10.24 22.32 -36.99
C GLY A 145 -9.46 23.40 -37.70
N PRO A 146 -9.79 23.64 -38.96
CA PRO A 146 -9.09 24.71 -39.71
C PRO A 146 -9.12 26.06 -39.04
N ASN A 147 -10.17 26.38 -38.28
CA ASN A 147 -10.30 27.69 -37.64
C ASN A 147 -9.95 27.65 -36.16
N GLY A 148 -9.45 26.52 -35.65
CA GLY A 148 -9.15 26.42 -34.25
C GLY A 148 -7.66 26.36 -33.93
N ASP A 149 -7.35 25.73 -32.80
CA ASP A 149 -6.02 25.78 -32.21
C ASP A 149 -5.26 24.50 -32.49
N PHE A 150 -3.95 24.63 -32.40
CA PHE A 150 -3.03 23.51 -32.44
C PHE A 150 -2.03 23.67 -31.30
N GLY A 151 -1.64 22.53 -30.72
CA GLY A 151 -0.72 22.54 -29.60
C GLY A 151 0.36 21.50 -29.77
N ILE A 152 1.54 21.82 -29.24
CA ILE A 152 2.66 20.89 -29.22
C ILE A 152 3.21 20.88 -27.81
N LYS A 153 3.01 19.76 -27.10
CA LYS A 153 3.53 19.53 -25.77
CA LYS A 153 3.52 19.52 -25.76
C LYS A 153 4.78 18.66 -25.84
N PHE A 154 5.70 18.89 -24.93
CA PHE A 154 6.90 18.08 -24.81
C PHE A 154 6.90 17.49 -23.41
N ASN A 155 7.02 16.17 -23.32
CA ASN A 155 7.10 15.45 -22.06
C ASN A 155 8.46 14.78 -21.98
N ILE A 156 8.96 14.59 -20.77
CA ILE A 156 10.30 14.09 -20.63
C ILE A 156 10.24 12.67 -20.10
N SER A 157 11.38 12.15 -19.64
CA SER A 157 11.56 10.71 -19.45
C SER A 157 10.76 10.17 -18.27
N ASN A 158 10.32 11.02 -17.35
CA ASN A 158 9.42 10.52 -16.32
C ASN A 158 8.00 10.49 -16.81
N GLY A 159 7.80 10.77 -18.10
CA GLY A 159 6.48 10.76 -18.70
C GLY A 159 5.64 11.98 -18.40
N GLY A 160 6.19 12.95 -17.66
CA GLY A 160 5.46 14.14 -17.36
C GLY A 160 5.87 15.30 -18.23
N PRO A 161 5.19 16.43 -18.06
CA PRO A 161 5.51 17.63 -18.84
C PRO A 161 6.95 18.07 -18.63
N ALA A 162 7.56 18.58 -19.70
CA ALA A 162 8.87 19.18 -19.55
C ALA A 162 8.82 20.30 -18.51
N PRO A 163 9.72 20.30 -17.54
CA PRO A 163 9.74 21.40 -16.56
C PRO A 163 10.31 22.67 -17.19
N GLU A 164 10.24 23.76 -16.41
CA GLU A 164 10.52 25.07 -16.98
C GLU A 164 11.98 25.22 -17.42
N ALA A 165 12.92 24.55 -16.74
CA ALA A 165 14.31 24.64 -17.19
C ALA A 165 14.47 24.08 -18.61
N ILE A 166 13.67 23.10 -19.01
CA ILE A 166 13.78 22.55 -20.35
C ILE A 166 12.99 23.36 -21.35
N THR A 167 11.79 23.84 -20.98
CA THR A 167 11.02 24.65 -21.92
C THR A 167 11.70 26.00 -22.18
N ASP A 168 12.43 26.54 -21.19
CA ASP A 168 13.18 27.76 -21.42
C ASP A 168 14.29 27.53 -22.43
N LYS A 169 14.97 26.39 -22.35
CA LYS A 169 16.03 26.12 -23.29
C LYS A 169 15.47 25.97 -24.70
N ILE A 170 14.34 25.26 -24.84
CA ILE A 170 13.65 25.16 -26.13
C ILE A 170 13.32 26.55 -26.65
N PHE A 171 12.74 27.39 -25.80
CA PHE A 171 12.40 28.75 -26.25
C PHE A 171 13.64 29.49 -26.72
N GLN A 172 14.70 29.50 -25.90
CA GLN A 172 15.95 30.14 -26.30
C GLN A 172 16.43 29.62 -27.65
N ILE A 173 16.50 28.29 -27.79
CA ILE A 173 16.97 27.71 -29.05
C ILE A 173 16.10 28.18 -30.21
N SER A 174 14.77 28.21 -30.01
CA SER A 174 13.88 28.58 -31.10
C SER A 174 14.05 30.02 -31.55
N LYS A 175 14.49 30.92 -30.66
CA LYS A 175 14.54 32.34 -30.99
C LYS A 175 15.71 32.70 -31.88
N THR A 176 16.77 31.89 -31.88
CA THR A 176 17.96 32.16 -32.69
C THR A 176 18.27 31.03 -33.67
N ILE A 177 17.36 30.07 -33.84
CA ILE A 177 17.61 28.95 -34.74
C ILE A 177 17.78 29.48 -36.17
N GLU A 178 18.77 28.96 -36.88
CA GLU A 178 19.01 29.36 -38.25
C GLU A 178 18.83 28.24 -39.26
N GLU A 179 18.85 26.99 -38.83
CA GLU A 179 18.62 25.91 -39.76
C GLU A 179 18.05 24.73 -39.00
N TYR A 180 17.46 23.81 -39.74
CA TYR A 180 17.11 22.53 -39.17
C TYR A 180 17.48 21.45 -40.17
N ALA A 181 17.64 20.23 -39.65
CA ALA A 181 17.91 19.06 -40.47
C ALA A 181 16.61 18.26 -40.64
N VAL A 182 16.37 17.79 -41.86
CA VAL A 182 15.12 17.13 -42.18
C VAL A 182 15.40 16.08 -43.25
N CYS A 183 14.55 15.04 -43.29
CA CYS A 183 14.58 14.03 -44.34
C CYS A 183 13.35 14.25 -45.21
N PRO A 184 13.44 15.11 -46.23
CA PRO A 184 12.21 15.52 -46.92
C PRO A 184 11.43 14.38 -47.56
N ASP A 185 12.10 13.32 -48.01
CA ASP A 185 11.38 12.24 -48.68
C ASP A 185 10.84 11.17 -47.75
N LEU A 186 11.13 11.25 -46.45
CA LEU A 186 10.64 10.25 -45.51
C LEU A 186 9.15 10.45 -45.24
N LYS A 187 8.38 9.38 -45.42
CA LYS A 187 6.95 9.38 -45.14
C LYS A 187 6.61 8.16 -44.29
N VAL A 188 5.91 8.37 -43.19
CA VAL A 188 5.48 7.29 -42.32
C VAL A 188 4.02 6.95 -42.66
N ASP A 189 3.73 5.66 -42.82
CA ASP A 189 2.36 5.17 -42.86
C ASP A 189 1.86 5.06 -41.43
N LEU A 190 1.00 5.99 -41.01
CA LEU A 190 0.48 6.04 -39.64
C LEU A 190 -0.62 5.03 -39.40
N GLY A 191 -1.17 4.41 -40.44
CA GLY A 191 -2.35 3.59 -40.29
C GLY A 191 -2.12 2.10 -40.10
N VAL A 192 -0.92 1.57 -40.34
CA VAL A 192 -0.64 0.13 -40.23
C VAL A 192 0.27 -0.13 -39.03
N LEU A 193 -0.08 -1.15 -38.23
CA LEU A 193 0.73 -1.49 -37.06
C LEU A 193 2.04 -2.13 -37.48
N GLY A 194 3.12 -1.81 -36.74
CA GLY A 194 4.36 -2.54 -36.87
C GLY A 194 5.53 -1.61 -36.99
N LYS A 195 6.66 -2.18 -37.36
CA LYS A 195 7.94 -1.49 -37.43
C LYS A 195 8.19 -1.04 -38.88
N GLN A 196 8.39 0.25 -39.06
CA GLN A 196 8.84 0.80 -40.33
C GLN A 196 10.27 1.29 -40.14
N GLN A 197 11.18 0.84 -41.01
CA GLN A 197 12.57 1.28 -40.95
C GLN A 197 12.89 2.16 -42.13
N PHE A 198 13.81 3.09 -41.90
CA PHE A 198 14.26 4.03 -42.92
C PHE A 198 15.78 4.07 -42.90
N ASP A 199 16.38 3.75 -44.02
CA ASP A 199 17.81 3.87 -44.18
C ASP A 199 18.13 5.29 -44.64
N LEU A 200 18.99 5.98 -43.90
CA LEU A 200 19.29 7.37 -44.19
C LEU A 200 20.61 7.41 -44.94
N GLU A 201 20.63 8.16 -46.07
CA GLU A 201 21.83 8.43 -46.84
C GLU A 201 23.00 8.79 -45.94
N ASN A 202 24.06 7.98 -46.00
CA ASN A 202 25.32 8.21 -45.32
C ASN A 202 25.22 8.10 -43.79
N LYS A 203 24.18 7.45 -43.29
CA LYS A 203 24.07 7.07 -41.88
C LYS A 203 24.05 5.54 -41.78
N PHE A 204 24.82 5.00 -40.83
CA PHE A 204 25.00 3.55 -40.74
C PHE A 204 23.75 2.86 -40.19
N LYS A 205 23.24 3.34 -39.03
CA LYS A 205 22.09 2.73 -38.37
C LYS A 205 20.78 3.28 -38.96
N PRO A 206 19.72 2.48 -38.94
CA PRO A 206 18.45 2.96 -39.51
C PRO A 206 17.61 3.72 -38.50
N PHE A 207 16.79 4.63 -39.04
CA PHE A 207 15.71 5.25 -38.29
C PHE A 207 14.53 4.29 -38.26
N THR A 208 13.90 4.15 -37.09
CA THR A 208 12.88 3.14 -36.85
C THR A 208 11.62 3.80 -36.30
N VAL A 209 10.47 3.48 -36.89
CA VAL A 209 9.17 3.93 -36.39
C VAL A 209 8.35 2.72 -36.02
N GLU A 210 7.88 2.68 -34.79
CA GLU A 210 6.91 1.70 -34.34
C GLU A 210 5.54 2.36 -34.30
N ILE A 211 4.63 1.91 -35.17
CA ILE A 211 3.22 2.20 -35.00
C ILE A 211 2.60 1.16 -34.07
N VAL A 212 2.09 1.62 -32.93
CA VAL A 212 1.48 0.73 -31.96
C VAL A 212 0.00 1.06 -31.90
N ASP A 213 -0.78 0.10 -31.40
CA ASP A 213 -2.18 0.34 -31.13
C ASP A 213 -2.33 1.51 -30.14
N SER A 214 -3.33 2.38 -30.39
CA SER A 214 -3.51 3.58 -29.57
C SER A 214 -3.88 3.24 -28.14
N VAL A 215 -4.53 2.11 -27.92
CA VAL A 215 -5.16 1.80 -26.64
C VAL A 215 -4.44 0.71 -25.85
N GLU A 216 -3.72 -0.21 -26.53
CA GLU A 216 -3.15 -1.40 -25.91
CA GLU A 216 -3.15 -1.40 -25.90
C GLU A 216 -2.38 -1.12 -24.63
N ALA A 217 -1.26 -0.41 -24.73
CA ALA A 217 -0.42 -0.22 -23.54
C ALA A 217 -1.18 0.43 -22.39
N TYR A 218 -1.97 1.47 -22.69
CA TYR A 218 -2.78 2.13 -21.67
C TYR A 218 -3.78 1.16 -21.04
N ALA A 219 -4.44 0.35 -21.87
CA ALA A 219 -5.40 -0.64 -21.35
C ALA A 219 -4.73 -1.70 -20.50
N THR A 220 -3.57 -2.21 -20.95
CA THR A 220 -2.80 -3.13 -20.14
C THR A 220 -2.48 -2.53 -18.78
N MET A 221 -2.07 -1.26 -18.75
CA MET A 221 -1.84 -0.59 -17.47
C MET A 221 -3.11 -0.58 -16.61
N LEU A 222 -4.23 -0.12 -17.17
CA LEU A 222 -5.44 -0.07 -16.38
C LEU A 222 -5.86 -1.46 -15.88
N ARG A 223 -5.64 -2.49 -16.70
CA ARG A 223 -5.94 -3.87 -16.31
C ARG A 223 -5.27 -4.27 -14.98
N SER A 224 -4.08 -3.74 -14.69
CA SER A 224 -3.43 -4.05 -13.41
C SER A 224 -3.86 -3.13 -12.27
N ILE A 225 -4.40 -1.95 -12.58
CA ILE A 225 -4.84 -1.00 -11.56
C ILE A 225 -6.22 -1.38 -11.03
N PHE A 226 -7.14 -1.67 -11.93
CA PHE A 226 -8.53 -1.93 -11.58
C PHE A 226 -8.84 -3.40 -11.72
N ASP A 227 -9.96 -3.80 -11.12
CA ASP A 227 -10.48 -5.17 -11.20
C ASP A 227 -11.44 -5.25 -12.38
N PHE A 228 -10.91 -5.56 -13.57
CA PHE A 228 -11.77 -5.65 -14.75
C PHE A 228 -12.89 -6.70 -14.58
N SER A 229 -12.66 -7.77 -13.82
CA SER A 229 -13.74 -8.74 -13.57
C SER A 229 -14.90 -8.09 -12.84
N ALA A 230 -14.61 -7.40 -11.74
CA ALA A 230 -15.65 -6.70 -11.01
C ALA A 230 -16.37 -5.69 -11.88
N LEU A 231 -15.61 -4.97 -12.71
CA LEU A 231 -16.20 -3.94 -13.53
C LEU A 231 -17.05 -4.56 -14.63
N LYS A 232 -16.54 -5.61 -15.27
CA LYS A 232 -17.31 -6.31 -16.29
C LYS A 232 -18.63 -6.84 -15.73
N GLU A 233 -18.60 -7.29 -14.48
CA GLU A 233 -19.84 -7.76 -13.86
C GLU A 233 -20.78 -6.60 -13.59
N LEU A 234 -20.21 -5.47 -13.15
CA LEU A 234 -21.01 -4.27 -12.89
C LEU A 234 -21.70 -3.79 -14.18
N LEU A 235 -20.98 -3.82 -15.30
CA LEU A 235 -21.43 -3.17 -16.53
C LEU A 235 -22.20 -4.09 -17.48
N SER A 236 -22.39 -5.37 -17.15
CA SER A 236 -22.92 -6.34 -18.11
C SER A 236 -24.16 -7.06 -17.59
N GLY A 237 -25.11 -7.27 -18.49
CA GLY A 237 -26.21 -8.15 -18.22
C GLY A 237 -27.42 -7.50 -17.61
N PRO A 238 -28.25 -8.30 -16.94
CA PRO A 238 -29.54 -7.81 -16.43
C PRO A 238 -29.44 -6.53 -15.61
N ASN A 239 -28.85 -6.64 -14.41
CA ASN A 239 -28.82 -5.53 -13.47
C ASN A 239 -27.63 -4.60 -13.69
N ARG A 240 -27.16 -4.50 -14.92
CA ARG A 240 -25.98 -3.71 -15.21
C ARG A 240 -26.16 -2.25 -14.79
N LEU A 241 -25.08 -1.65 -14.27
CA LEU A 241 -25.02 -0.20 -14.12
C LEU A 241 -25.09 0.43 -15.50
N LYS A 242 -26.07 1.29 -15.73
CA LYS A 242 -26.23 1.92 -17.05
C LYS A 242 -25.41 3.21 -17.07
N ILE A 243 -24.49 3.32 -18.04
CA ILE A 243 -23.57 4.44 -18.10
C ILE A 243 -23.64 5.12 -19.46
N ARG A 244 -23.26 6.39 -19.48
CA ARG A 244 -23.14 7.14 -20.73
CA ARG A 244 -23.16 7.17 -20.71
C ARG A 244 -21.85 7.94 -20.66
N ILE A 245 -20.93 7.63 -21.56
CA ILE A 245 -19.58 8.17 -21.54
C ILE A 245 -19.37 9.00 -22.80
N ASP A 246 -19.02 10.28 -22.63
CA ASP A 246 -18.95 11.24 -23.73
C ASP A 246 -17.50 11.65 -23.92
N ALA A 247 -16.89 11.20 -25.01
CA ALA A 247 -15.53 11.60 -25.31
C ALA A 247 -15.47 12.91 -26.07
N MET A 248 -16.62 13.55 -26.33
CA MET A 248 -16.69 14.87 -26.94
C MET A 248 -15.92 14.93 -28.27
N HIS A 249 -15.92 13.81 -29.00
CA HIS A 249 -15.33 13.71 -30.34
C HIS A 249 -13.82 13.80 -30.28
N GLY A 250 -13.23 13.57 -29.10
CA GLY A 250 -11.83 13.71 -28.90
C GLY A 250 -11.11 12.39 -28.76
N VAL A 251 -9.89 12.46 -28.19
CA VAL A 251 -8.96 11.35 -28.24
C VAL A 251 -9.41 10.16 -27.41
N VAL A 252 -10.27 10.34 -26.39
CA VAL A 252 -10.57 9.21 -25.52
C VAL A 252 -11.57 8.24 -26.14
N GLY A 253 -12.23 8.65 -27.22
CA GLY A 253 -13.20 7.83 -27.92
C GLY A 253 -12.85 6.37 -28.04
N PRO A 254 -11.76 6.05 -28.77
CA PRO A 254 -11.43 4.63 -28.98
C PRO A 254 -11.01 3.92 -27.71
N TYR A 255 -10.49 4.67 -26.72
CA TYR A 255 -10.25 4.11 -25.38
C TYR A 255 -11.57 3.68 -24.73
N VAL A 256 -12.59 4.51 -24.82
CA VAL A 256 -13.91 4.14 -24.30
C VAL A 256 -14.40 2.87 -25.00
N LYS A 257 -14.32 2.83 -26.33
CA LYS A 257 -14.89 1.72 -27.07
C LYS A 257 -14.15 0.42 -26.79
N LYS A 258 -12.81 0.46 -26.79
CA LYS A 258 -12.10 -0.81 -26.64
C LYS A 258 -12.06 -1.28 -25.20
N ILE A 259 -12.10 -0.36 -24.22
CA ILE A 259 -11.99 -0.76 -22.83
C ILE A 259 -13.37 -0.97 -22.21
N LEU A 260 -14.21 0.09 -22.19
CA LEU A 260 -15.50 0.00 -21.51
C LEU A 260 -16.50 -0.86 -22.30
N CYS A 261 -16.46 -0.79 -23.62
CA CYS A 261 -17.43 -1.56 -24.38
C CYS A 261 -16.88 -2.95 -24.74
N GLU A 262 -15.78 -3.00 -25.50
CA GLU A 262 -15.33 -4.29 -26.01
C GLU A 262 -14.86 -5.20 -24.88
N GLU A 263 -14.13 -4.65 -23.91
CA GLU A 263 -13.57 -5.54 -22.91
C GLU A 263 -14.46 -5.68 -21.69
N LEU A 264 -15.08 -4.59 -21.21
CA LEU A 264 -15.86 -4.68 -20.00
C LEU A 264 -17.35 -4.88 -20.24
N GLY A 265 -17.79 -4.85 -21.50
CA GLY A 265 -19.12 -5.32 -21.84
C GLY A 265 -20.24 -4.32 -21.73
N ALA A 266 -19.93 -3.04 -21.47
CA ALA A 266 -20.94 -2.00 -21.59
C ALA A 266 -21.55 -2.06 -22.98
N PRO A 267 -22.87 -1.93 -23.12
CA PRO A 267 -23.47 -1.90 -24.45
C PRO A 267 -22.87 -0.77 -25.28
N ALA A 268 -22.93 -0.90 -26.60
CA ALA A 268 -22.24 0.07 -27.45
C ALA A 268 -22.85 1.47 -27.36
N ASN A 269 -24.13 1.58 -27.03
CA ASN A 269 -24.76 2.90 -26.88
C ASN A 269 -24.21 3.66 -25.68
N SER A 270 -23.39 3.03 -24.83
CA SER A 270 -22.77 3.69 -23.69
C SER A 270 -21.70 4.70 -24.11
N ALA A 271 -21.13 4.56 -25.32
CA ALA A 271 -20.00 5.38 -25.75
C ALA A 271 -20.49 6.39 -26.77
N VAL A 272 -20.59 7.65 -26.38
CA VAL A 272 -21.15 8.69 -27.24
C VAL A 272 -20.03 9.63 -27.65
N ASN A 273 -20.10 10.11 -28.89
CA ASN A 273 -19.10 11.03 -29.43
C ASN A 273 -17.71 10.40 -29.32
N CYS A 274 -17.62 9.10 -29.60
CA CYS A 274 -16.42 8.31 -29.37
C CYS A 274 -15.67 8.00 -30.66
N VAL A 275 -15.95 8.73 -31.72
CA VAL A 275 -15.14 8.72 -32.93
C VAL A 275 -14.37 10.03 -32.98
N PRO A 276 -13.03 10.02 -32.92
CA PRO A 276 -12.27 11.28 -32.97
C PRO A 276 -12.51 12.04 -34.26
N LEU A 277 -12.87 13.32 -34.13
CA LEU A 277 -13.09 14.21 -35.27
C LEU A 277 -12.06 15.33 -35.26
N GLU A 278 -11.55 15.68 -36.45
CA GLU A 278 -10.49 16.69 -36.57
C GLU A 278 -10.93 18.06 -36.03
N ASP A 279 -12.22 18.33 -35.96
CA ASP A 279 -12.73 19.59 -35.42
C ASP A 279 -13.53 19.36 -34.15
N PHE A 280 -13.38 18.17 -33.53
CA PHE A 280 -14.14 17.82 -32.33
C PHE A 280 -15.63 18.09 -32.50
N GLY A 281 -16.16 17.68 -33.65
CA GLY A 281 -17.55 17.92 -33.96
C GLY A 281 -17.96 19.36 -34.05
N GLY A 282 -17.00 20.30 -34.06
CA GLY A 282 -17.29 21.71 -34.13
C GLY A 282 -17.48 22.39 -32.78
N HIS A 283 -17.27 21.67 -31.68
CA HIS A 283 -17.51 22.16 -30.33
C HIS A 283 -16.21 22.15 -29.53
N HIS A 284 -16.21 22.84 -28.39
CA HIS A 284 -15.05 22.78 -27.50
C HIS A 284 -15.01 21.43 -26.78
N PRO A 285 -13.94 20.63 -26.93
CA PRO A 285 -13.84 19.33 -26.20
C PRO A 285 -13.37 19.55 -24.77
N ASP A 286 -14.28 20.13 -23.98
CA ASP A 286 -14.09 20.64 -22.64
C ASP A 286 -15.21 20.15 -21.74
N PRO A 287 -14.95 19.25 -20.79
CA PRO A 287 -16.06 18.69 -20.00
C PRO A 287 -16.50 19.64 -18.90
N ASN A 288 -17.67 20.27 -19.10
CA ASN A 288 -18.39 20.98 -18.05
C ASN A 288 -19.86 21.05 -18.47
N LEU A 289 -20.68 21.71 -17.64
CA LEU A 289 -22.13 21.60 -17.81
C LEU A 289 -22.63 22.29 -19.06
N THR A 290 -21.90 23.25 -19.60
CA THR A 290 -22.41 23.85 -20.83
C THR A 290 -21.78 23.25 -22.09
N TYR A 291 -20.48 22.97 -22.10
CA TYR A 291 -19.88 22.34 -23.28
C TYR A 291 -20.30 20.88 -23.44
N ALA A 292 -20.66 20.20 -22.36
CA ALA A 292 -21.17 18.84 -22.44
C ALA A 292 -22.66 18.81 -22.11
N ALA A 293 -23.38 19.83 -22.57
CA ALA A 293 -24.81 19.92 -22.31
C ALA A 293 -25.58 18.74 -22.90
N ASP A 294 -25.06 18.10 -23.95
CA ASP A 294 -25.76 16.95 -24.51
C ASP A 294 -25.74 15.80 -23.53
N LEU A 295 -24.59 15.53 -22.92
CA LEU A 295 -24.51 14.50 -21.90
C LEU A 295 -25.43 14.83 -20.73
N VAL A 296 -25.41 16.09 -20.27
CA VAL A 296 -26.28 16.52 -19.17
C VAL A 296 -27.75 16.28 -19.51
N GLU A 297 -28.19 16.75 -20.68
CA GLU A 297 -29.59 16.55 -21.04
CA GLU A 297 -29.56 16.54 -21.16
C GLU A 297 -29.93 15.06 -21.11
N THR A 298 -29.02 14.21 -21.61
CA THR A 298 -29.24 12.77 -21.59
C THR A 298 -29.45 12.26 -20.18
N MET A 299 -28.55 12.66 -19.27
CA MET A 299 -28.63 12.21 -17.88
C MET A 299 -29.91 12.67 -17.18
N LYS A 300 -30.50 13.82 -17.59
CA LYS A 300 -31.69 14.30 -16.90
C LYS A 300 -32.86 13.35 -17.03
N SER A 301 -32.85 12.52 -18.08
CA SER A 301 -33.99 11.64 -18.33
C SER A 301 -34.19 10.62 -17.22
N GLY A 302 -33.14 10.29 -16.47
CA GLY A 302 -33.26 9.31 -15.42
C GLY A 302 -32.98 7.87 -15.82
N GLU A 303 -32.70 7.60 -17.10
CA GLU A 303 -32.48 6.22 -17.54
C GLU A 303 -31.13 5.70 -17.07
N HIS A 304 -30.12 6.55 -16.94
CA HIS A 304 -28.74 6.12 -16.72
C HIS A 304 -28.27 6.42 -15.31
N ASP A 305 -27.41 5.55 -14.78
CA ASP A 305 -26.95 5.67 -13.42
C ASP A 305 -25.72 6.55 -13.28
N PHE A 306 -24.95 6.71 -14.36
CA PHE A 306 -23.64 7.34 -14.29
C PHE A 306 -23.29 7.91 -15.65
N GLY A 307 -22.74 9.12 -15.64
CA GLY A 307 -22.32 9.77 -16.87
C GLY A 307 -20.97 10.42 -16.68
N ALA A 308 -20.21 10.51 -17.76
CA ALA A 308 -18.93 11.19 -17.67
C ALA A 308 -18.59 11.78 -19.02
N ALA A 309 -17.77 12.84 -18.99
CA ALA A 309 -17.28 13.52 -20.18
C ALA A 309 -15.79 13.74 -20.04
N PHE A 310 -15.05 13.62 -21.14
CA PHE A 310 -13.62 13.88 -21.13
C PHE A 310 -13.29 15.08 -22.02
N ASP A 311 -12.12 15.68 -21.77
CA ASP A 311 -11.64 16.75 -22.64
C ASP A 311 -10.88 16.17 -23.83
N GLY A 312 -10.38 17.06 -24.67
CA GLY A 312 -9.90 16.66 -25.99
C GLY A 312 -8.74 15.68 -25.94
N ASP A 313 -7.84 15.85 -24.97
CA ASP A 313 -6.69 14.95 -24.86
C ASP A 313 -6.81 13.97 -23.70
N GLY A 314 -7.89 14.02 -22.93
CA GLY A 314 -8.22 12.93 -22.02
C GLY A 314 -7.69 13.02 -20.61
N ASP A 315 -7.22 14.19 -20.17
CA ASP A 315 -6.73 14.26 -18.80
C ASP A 315 -7.73 14.93 -17.88
N ARG A 316 -8.90 15.31 -18.39
CA ARG A 316 -9.93 15.97 -17.58
C ARG A 316 -11.21 15.15 -17.62
N ASN A 317 -12.02 15.24 -16.59
CA ASN A 317 -13.22 14.43 -16.55
C ASN A 317 -14.29 15.13 -15.74
N MET A 318 -15.54 15.09 -16.22
CA MET A 318 -16.70 15.46 -15.43
C MET A 318 -17.53 14.22 -15.10
N ILE A 319 -17.97 14.11 -13.85
CA ILE A 319 -18.71 12.96 -13.35
C ILE A 319 -20.14 13.40 -13.07
N LEU A 320 -21.10 12.65 -13.62
CA LEU A 320 -22.52 12.90 -13.46
C LEU A 320 -23.19 11.65 -12.89
N GLY A 321 -24.28 11.87 -12.16
CA GLY A 321 -25.07 10.79 -11.60
C GLY A 321 -26.48 10.80 -12.15
N LYS A 322 -27.33 9.90 -11.64
CA LYS A 322 -28.71 9.80 -12.12
C LYS A 322 -29.38 11.15 -12.04
N HIS A 323 -30.19 11.45 -13.06
CA HIS A 323 -30.93 12.72 -13.21
C HIS A 323 -30.01 13.91 -13.49
N GLY A 324 -28.77 13.67 -13.91
CA GLY A 324 -27.87 14.78 -14.16
C GLY A 324 -27.21 15.33 -12.92
N PHE A 325 -27.31 14.62 -11.79
CA PHE A 325 -26.61 15.00 -10.57
C PHE A 325 -25.14 15.28 -10.87
N PHE A 326 -24.68 16.46 -10.48
CA PHE A 326 -23.36 16.95 -10.82
C PHE A 326 -22.44 16.71 -9.64
N VAL A 327 -21.43 15.85 -9.84
CA VAL A 327 -20.39 15.62 -8.84
C VAL A 327 -19.31 16.67 -9.09
N ASN A 328 -19.18 17.65 -8.18
CA ASN A 328 -18.19 18.65 -8.56
C ASN A 328 -16.78 18.11 -8.34
N PRO A 329 -15.81 18.52 -9.18
CA PRO A 329 -14.52 17.81 -9.18
C PRO A 329 -13.83 17.81 -7.84
N SER A 330 -14.01 18.87 -7.04
CA SER A 330 -13.41 18.90 -5.72
C SER A 330 -13.98 17.84 -4.80
N ASP A 331 -15.28 17.55 -4.93
CA ASP A 331 -15.88 16.43 -4.21
C ASP A 331 -15.41 15.11 -4.78
N SER A 332 -15.28 15.03 -6.10
CA SER A 332 -14.98 13.76 -6.74
C SER A 332 -13.70 13.16 -6.21
N VAL A 333 -12.66 14.00 -6.04
CA VAL A 333 -11.41 13.44 -5.53
C VAL A 333 -11.52 13.10 -4.05
N ALA A 334 -12.35 13.83 -3.29
CA ALA A 334 -12.61 13.46 -1.91
C ALA A 334 -13.30 12.09 -1.82
N VAL A 335 -14.28 11.83 -2.69
CA VAL A 335 -14.99 10.56 -2.66
C VAL A 335 -14.04 9.41 -2.98
N ILE A 336 -13.26 9.55 -4.06
CA ILE A 336 -12.29 8.52 -4.40
C ILE A 336 -11.34 8.29 -3.24
N ALA A 337 -10.87 9.38 -2.62
CA ALA A 337 -9.97 9.25 -1.48
C ALA A 337 -10.60 8.43 -0.36
N ALA A 338 -11.89 8.63 -0.11
CA ALA A 338 -12.55 7.98 1.01
C ALA A 338 -12.91 6.53 0.72
N ASN A 339 -12.91 6.15 -0.55
CA ASN A 339 -13.21 4.77 -0.95
C ASN A 339 -12.03 4.17 -1.69
N ILE A 340 -10.83 4.64 -1.38
CA ILE A 340 -9.70 4.43 -2.26
C ILE A 340 -9.32 2.97 -2.31
N PHE A 341 -9.59 2.21 -1.25
CA PHE A 341 -9.15 0.83 -1.28
C PHE A 341 -10.11 -0.08 -2.04
N SER A 342 -11.18 0.48 -2.61
CA SER A 342 -11.97 -0.26 -3.59
C SER A 342 -11.20 -0.50 -4.87
N ILE A 343 -10.06 0.12 -5.02
CA ILE A 343 -9.26 0.05 -6.24
C ILE A 343 -8.05 -0.81 -5.95
N PRO A 344 -7.85 -1.94 -6.66
CA PRO A 344 -6.80 -2.90 -6.25
C PRO A 344 -5.42 -2.28 -6.25
N TYR A 345 -5.14 -1.33 -7.15
CA TYR A 345 -3.86 -0.65 -7.14
C TYR A 345 -3.53 -0.13 -5.74
N PHE A 346 -4.48 0.57 -5.13
CA PHE A 346 -4.19 1.15 -3.82
C PHE A 346 -4.23 0.10 -2.72
N GLN A 347 -5.05 -0.93 -2.87
CA GLN A 347 -4.95 -2.09 -1.98
C GLN A 347 -3.52 -2.59 -1.90
N GLN A 348 -2.76 -2.50 -3.00
CA GLN A 348 -1.47 -3.14 -3.08
C GLN A 348 -0.28 -2.20 -3.00
N THR A 349 -0.41 -0.94 -3.38
CA THR A 349 0.68 0.02 -3.18
C THR A 349 0.56 0.73 -1.84
N GLY A 350 -0.64 0.83 -1.31
CA GLY A 350 -0.86 1.73 -0.20
C GLY A 350 -1.15 3.13 -0.70
N VAL A 351 -1.42 4.02 0.26
CA VAL A 351 -1.73 5.41 -0.02
C VAL A 351 -0.56 6.23 0.52
N ARG A 352 0.25 6.79 -0.38
CA ARG A 352 1.42 7.54 0.04
C ARG A 352 1.12 9.01 0.35
N GLY A 353 -0.07 9.49 0.02
CA GLY A 353 -0.39 10.90 0.25
C GLY A 353 -1.52 11.35 -0.66
N PHE A 354 -2.12 12.47 -0.28
CA PHE A 354 -3.15 13.14 -1.04
C PHE A 354 -2.69 14.56 -1.38
N ALA A 355 -3.19 15.10 -2.51
CA ALA A 355 -2.89 16.48 -2.84
C ALA A 355 -4.02 17.12 -3.63
N ARG A 356 -4.14 18.43 -3.48
CA ARG A 356 -5.03 19.23 -4.28
C ARG A 356 -4.37 20.59 -4.50
N SER A 357 -4.67 21.21 -5.64
CA SER A 357 -4.26 22.58 -5.83
C SER A 357 -4.91 23.45 -4.76
N MET A 358 -4.21 24.52 -4.38
CA MET A 358 -4.72 25.43 -3.37
C MET A 358 -6.14 25.92 -3.63
N PRO A 359 -6.52 26.32 -4.86
CA PRO A 359 -7.91 26.79 -5.05
C PRO A 359 -8.97 25.69 -4.99
N THR A 360 -8.58 24.41 -5.10
CA THR A 360 -9.55 23.33 -5.02
C THR A 360 -10.19 23.32 -3.63
N SER A 361 -11.43 22.84 -3.53
CA SER A 361 -12.13 22.85 -2.24
C SER A 361 -11.42 21.96 -1.20
N GLY A 362 -11.70 22.23 0.08
CA GLY A 362 -11.16 21.48 1.19
C GLY A 362 -11.81 20.15 1.47
N ALA A 363 -12.64 19.63 0.57
CA ALA A 363 -13.29 18.34 0.84
C ALA A 363 -12.25 17.25 1.02
N LEU A 364 -11.19 17.27 0.19
CA LEU A 364 -10.14 16.27 0.31
C LEU A 364 -9.46 16.32 1.67
N ASP A 365 -9.31 17.52 2.27
CA ASP A 365 -8.64 17.65 3.55
C ASP A 365 -9.42 16.93 4.64
N ARG A 366 -10.75 17.01 4.60
CA ARG A 366 -11.56 16.35 5.61
C ARG A 366 -11.30 14.86 5.62
N VAL A 367 -11.12 14.27 4.43
CA VAL A 367 -10.92 12.84 4.33
C VAL A 367 -9.52 12.49 4.77
N ALA A 368 -8.54 13.30 4.35
CA ALA A 368 -7.16 13.03 4.75
C ALA A 368 -6.95 13.20 6.25
N SER A 369 -7.59 14.20 6.86
CA SER A 369 -7.48 14.36 8.31
C SER A 369 -8.08 13.18 9.05
N ALA A 370 -9.23 12.68 8.58
CA ALA A 370 -9.88 11.59 9.27
C ALA A 370 -9.07 10.30 9.18
N THR A 371 -8.32 10.11 8.10
CA THR A 371 -7.57 8.89 7.89
C THR A 371 -6.09 9.05 8.17
N LYS A 372 -5.65 10.21 8.67
CA LYS A 372 -4.26 10.40 9.08
C LYS A 372 -3.31 10.11 7.91
N ILE A 373 -3.64 10.68 6.74
CA ILE A 373 -2.79 10.69 5.55
C ILE A 373 -2.42 12.13 5.23
N ALA A 374 -1.21 12.34 4.74
CA ALA A 374 -0.76 13.72 4.51
C ALA A 374 -1.52 14.35 3.35
N LEU A 375 -1.80 15.64 3.48
CA LEU A 375 -2.52 16.42 2.47
C LEU A 375 -1.58 17.51 1.98
N TYR A 376 -1.23 17.48 0.70
CA TYR A 376 -0.40 18.51 0.12
C TYR A 376 -1.28 19.50 -0.61
N GLU A 377 -1.09 20.78 -0.32
CA GLU A 377 -1.85 21.86 -0.93
C GLU A 377 -0.85 22.64 -1.78
N THR A 378 -1.01 22.55 -3.08
CA THR A 378 0.02 22.99 -4.01
C THR A 378 -0.46 24.18 -4.83
N PRO A 379 0.45 24.98 -5.40
CA PRO A 379 0.03 25.98 -6.38
C PRO A 379 -0.54 25.28 -7.60
N THR A 380 -1.35 26.00 -8.36
CA THR A 380 -1.88 25.48 -9.61
CA THR A 380 -1.87 25.44 -9.60
C THR A 380 -0.72 25.06 -10.52
N GLY A 381 -0.81 23.86 -11.08
CA GLY A 381 0.24 23.35 -11.96
C GLY A 381 0.60 21.90 -11.68
N TRP A 382 0.93 21.14 -12.73
CA TRP A 382 1.21 19.72 -12.59
C TRP A 382 2.49 19.46 -11.80
N LYS A 383 3.52 20.30 -12.01
CA LYS A 383 4.85 19.95 -11.55
C LYS A 383 4.89 19.70 -10.05
N PHE A 384 3.99 20.34 -9.30
CA PHE A 384 3.99 20.13 -7.87
C PHE A 384 3.49 18.72 -7.56
N PHE A 385 2.48 18.25 -8.30
CA PHE A 385 1.99 16.88 -8.12
C PHE A 385 3.07 15.87 -8.49
N GLY A 386 3.63 15.98 -9.71
CA GLY A 386 4.64 15.03 -10.16
C GLY A 386 5.86 14.99 -9.26
N ASN A 387 6.26 16.13 -8.72
CA ASN A 387 7.36 16.15 -7.77
C ASN A 387 7.05 15.26 -6.57
N LEU A 388 5.86 15.39 -6.01
CA LEU A 388 5.54 14.58 -4.84
C LEU A 388 5.40 13.11 -5.23
N MET A 389 4.85 12.82 -6.42
CA MET A 389 4.74 11.44 -6.88
C MET A 389 6.12 10.80 -7.04
N ASP A 390 7.03 11.50 -7.72
CA ASP A 390 8.40 11.00 -7.92
C ASP A 390 9.14 10.80 -6.59
N ALA A 391 8.65 11.39 -5.50
CA ALA A 391 9.22 11.19 -4.17
C ALA A 391 8.47 10.13 -3.36
N SER A 392 7.52 9.41 -3.97
CA SER A 392 6.74 8.39 -3.28
C SER A 392 5.92 8.99 -2.13
N LYS A 393 5.39 10.21 -2.35
CA LYS A 393 4.61 10.92 -1.35
C LYS A 393 3.20 11.26 -1.80
N LEU A 394 2.78 10.82 -2.99
CA LEU A 394 1.50 11.27 -3.53
C LEU A 394 0.85 10.13 -4.31
N SER A 395 -0.34 9.74 -3.87
CA SER A 395 -1.05 8.65 -4.52
C SER A 395 -2.23 9.12 -5.34
N LEU A 396 -2.92 10.16 -4.89
CA LEU A 396 -4.16 10.66 -5.46
C LEU A 396 -4.16 12.18 -5.41
N CYS A 397 -4.44 12.83 -6.54
CA CYS A 397 -4.49 14.29 -6.56
C CYS A 397 -5.71 14.75 -7.34
N GLY A 398 -6.11 16.00 -7.07
CA GLY A 398 -7.30 16.57 -7.69
C GLY A 398 -7.20 18.07 -7.90
N GLU A 399 -7.91 18.54 -8.92
CA GLU A 399 -7.98 19.96 -9.25
C GLU A 399 -9.43 20.29 -9.52
N GLU A 400 -9.90 21.41 -8.95
CA GLU A 400 -11.27 21.84 -9.18
C GLU A 400 -11.60 21.97 -10.67
N SER A 401 -10.59 22.19 -11.52
CA SER A 401 -10.81 22.26 -12.97
C SER A 401 -10.90 20.87 -13.62
N PHE A 402 -11.69 19.97 -13.03
CA PHE A 402 -12.01 18.67 -13.63
C PHE A 402 -10.77 17.81 -13.83
N GLY A 403 -9.84 17.90 -12.88
CA GLY A 403 -8.64 17.09 -12.96
C GLY A 403 -8.57 16.11 -11.81
N THR A 404 -8.35 14.83 -12.12
CA THR A 404 -8.10 13.80 -11.11
C THR A 404 -6.98 12.91 -11.62
N GLY A 405 -6.10 12.48 -10.71
CA GLY A 405 -4.98 11.65 -11.13
C GLY A 405 -4.41 10.87 -9.98
N SER A 406 -3.51 9.95 -10.32
CA SER A 406 -2.79 9.14 -9.36
C SER A 406 -1.37 9.01 -9.88
N ASP A 407 -0.52 8.34 -9.10
CA ASP A 407 0.86 8.19 -9.54
C ASP A 407 1.06 7.00 -10.46
N HIS A 408 -0.01 6.42 -11.01
CA HIS A 408 0.20 5.41 -12.06
C HIS A 408 0.88 5.98 -13.29
N ILE A 409 0.72 7.29 -13.56
CA ILE A 409 1.46 8.00 -14.61
C ILE A 409 1.85 9.41 -14.14
N ARG A 410 2.39 10.24 -15.04
CA ARG A 410 2.73 11.61 -14.68
C ARG A 410 1.92 12.63 -15.49
N GLU A 411 0.67 12.31 -15.81
CA GLU A 411 -0.34 13.28 -16.21
C GLU A 411 -1.64 12.92 -15.50
N LYS A 412 -2.57 13.87 -15.45
CA LYS A 412 -3.91 13.53 -14.96
CA LYS A 412 -3.91 13.54 -14.98
C LYS A 412 -4.59 12.58 -15.97
N ASP A 413 -5.66 11.92 -15.53
CA ASP A 413 -6.20 10.81 -16.35
C ASP A 413 -7.72 10.70 -16.18
N GLY A 414 -8.47 11.21 -17.16
CA GLY A 414 -9.92 11.25 -17.02
C GLY A 414 -10.58 9.89 -17.03
N LEU A 415 -10.18 9.02 -17.98
CA LEU A 415 -10.78 7.69 -18.01
C LEU A 415 -10.41 6.90 -16.78
N TRP A 416 -9.18 7.08 -16.27
CA TRP A 416 -8.82 6.47 -15.00
C TRP A 416 -9.80 6.87 -13.91
N ALA A 417 -10.21 8.15 -13.88
CA ALA A 417 -11.08 8.61 -12.80
C ALA A 417 -12.46 7.99 -12.92
N VAL A 418 -12.95 7.78 -14.14
CA VAL A 418 -14.20 7.07 -14.36
C VAL A 418 -14.11 5.64 -13.85
N LEU A 419 -13.03 4.93 -14.22
CA LEU A 419 -12.87 3.57 -13.72
C LEU A 419 -12.77 3.56 -12.20
N ALA A 420 -12.10 4.56 -11.62
CA ALA A 420 -12.11 4.67 -10.16
C ALA A 420 -13.54 4.75 -9.66
N TRP A 421 -14.36 5.59 -10.30
CA TRP A 421 -15.74 5.77 -9.90
C TRP A 421 -16.53 4.48 -10.05
N LEU A 422 -16.38 3.81 -11.20
CA LEU A 422 -17.10 2.56 -11.40
C LEU A 422 -16.72 1.53 -10.35
N SER A 423 -15.43 1.49 -9.96
CA SER A 423 -14.99 0.56 -8.92
C SER A 423 -15.65 0.88 -7.60
N ILE A 424 -15.74 2.16 -7.26
CA ILE A 424 -16.41 2.55 -6.02
C ILE A 424 -17.90 2.24 -6.10
N LEU A 425 -18.54 2.48 -7.24
CA LEU A 425 -19.95 2.11 -7.36
C LEU A 425 -20.14 0.60 -7.19
N ALA A 426 -19.22 -0.19 -7.76
CA ALA A 426 -19.37 -1.64 -7.69
C ALA A 426 -19.24 -2.14 -6.25
N THR A 427 -18.33 -1.56 -5.46
CA THR A 427 -18.23 -2.06 -4.08
C THR A 427 -19.30 -1.43 -3.19
N ARG A 428 -19.70 -0.19 -3.47
CA ARG A 428 -20.62 0.49 -2.55
C ARG A 428 -22.08 0.06 -2.76
N LYS A 429 -22.46 -0.25 -3.99
CA LYS A 429 -23.83 -0.66 -4.32
C LYS A 429 -24.83 0.44 -3.96
N GLN A 430 -24.43 1.69 -4.17
CA GLN A 430 -25.32 2.83 -4.04
C GLN A 430 -25.23 3.65 -5.31
N SER A 431 -26.25 4.48 -5.53
CA SER A 431 -26.21 5.48 -6.58
C SER A 431 -25.10 6.50 -6.32
N VAL A 432 -24.72 7.21 -7.39
CA VAL A 432 -23.74 8.27 -7.28
C VAL A 432 -24.19 9.29 -6.25
N GLU A 433 -25.46 9.72 -6.35
CA GLU A 433 -25.99 10.74 -5.45
C GLU A 433 -26.01 10.26 -3.99
N ASP A 434 -26.39 9.01 -3.75
CA ASP A 434 -26.41 8.52 -2.38
C ASP A 434 -25.01 8.39 -1.82
N ILE A 435 -24.00 8.15 -2.67
CA ILE A 435 -22.62 8.14 -2.17
C ILE A 435 -22.23 9.54 -1.69
N LEU A 436 -22.59 10.58 -2.46
CA LEU A 436 -22.28 11.96 -2.07
C LEU A 436 -23.01 12.36 -0.79
N LYS A 437 -24.31 12.07 -0.72
CA LYS A 437 -25.04 12.38 0.50
C LYS A 437 -24.44 11.66 1.71
N ASP A 438 -24.02 10.40 1.55
CA ASP A 438 -23.32 9.74 2.64
C ASP A 438 -22.01 10.44 2.96
N HIS A 439 -21.24 10.79 1.93
CA HIS A 439 -19.99 11.53 2.14
C HIS A 439 -20.23 12.80 2.95
N TRP A 440 -21.15 13.67 2.49
CA TRP A 440 -21.36 14.95 3.16
C TRP A 440 -21.85 14.77 4.59
N GLN A 441 -22.67 13.75 4.83
CA GLN A 441 -23.09 13.47 6.18
C GLN A 441 -21.91 13.07 7.06
N LYS A 442 -20.91 12.39 6.48
CA LYS A 442 -19.76 11.96 7.27
C LYS A 442 -18.75 13.09 7.49
N TYR A 443 -18.37 13.83 6.44
CA TYR A 443 -17.28 14.78 6.53
C TYR A 443 -17.75 16.22 6.62
N GLY A 444 -19.07 16.47 6.52
CA GLY A 444 -19.56 17.80 6.21
C GLY A 444 -19.39 18.07 4.73
N ARG A 445 -20.09 19.05 4.20
CA ARG A 445 -20.02 19.34 2.78
C ARG A 445 -19.28 20.65 2.55
N ASN A 446 -18.32 20.60 1.62
CA ASN A 446 -17.68 21.82 1.12
C ASN A 446 -18.45 22.21 -0.13
N PHE A 447 -19.41 23.12 0.04
CA PHE A 447 -20.02 23.77 -1.10
C PHE A 447 -18.96 24.53 -1.87
N PHE A 448 -19.00 24.44 -3.20
CA PHE A 448 -17.92 25.02 -3.97
C PHE A 448 -18.41 25.56 -5.30
N THR A 449 -17.86 26.71 -5.68
CA THR A 449 -18.05 27.24 -7.02
C THR A 449 -16.82 28.04 -7.42
N ARG A 450 -16.64 28.19 -8.73
CA ARG A 450 -15.62 29.07 -9.27
C ARG A 450 -16.28 30.11 -10.17
N TYR A 451 -16.02 31.37 -9.89
CA TYR A 451 -16.44 32.46 -10.76
C TYR A 451 -15.28 32.80 -11.68
N ASP A 452 -15.53 32.81 -12.98
CA ASP A 452 -14.56 33.30 -13.94
C ASP A 452 -15.03 34.65 -14.47
N TYR A 453 -14.18 35.65 -14.36
CA TYR A 453 -14.41 36.94 -15.00
C TYR A 453 -13.44 37.02 -16.15
N GLU A 454 -13.93 36.90 -17.38
CA GLU A 454 -13.04 36.77 -18.51
C GLU A 454 -12.78 38.10 -19.19
N GLU A 455 -11.51 38.33 -19.53
CA GLU A 455 -11.09 39.49 -20.32
C GLU A 455 -11.52 40.81 -19.68
N VAL A 456 -11.24 40.93 -18.37
CA VAL A 456 -11.33 42.21 -17.69
C VAL A 456 -10.07 43.00 -18.00
N GLU A 457 -10.17 44.33 -18.00
CA GLU A 457 -8.99 45.17 -18.22
C GLU A 457 -7.93 44.90 -17.15
N ALA A 458 -6.68 44.78 -17.60
CA ALA A 458 -5.62 44.34 -16.70
C ALA A 458 -5.39 45.34 -15.58
N GLU A 459 -5.49 46.63 -15.90
CA GLU A 459 -5.22 47.65 -14.89
C GLU A 459 -6.20 47.52 -13.73
N GLY A 460 -7.49 47.39 -14.03
CA GLY A 460 -8.47 47.20 -12.97
C GLY A 460 -8.22 45.94 -12.17
N ALA A 461 -7.98 44.82 -12.87
CA ALA A 461 -7.80 43.56 -12.18
C ALA A 461 -6.53 43.56 -11.32
N ASN A 462 -5.42 44.03 -11.88
CA ASN A 462 -4.19 44.15 -11.09
C ASN A 462 -4.40 45.09 -9.90
N LYS A 463 -5.15 46.17 -10.09
CA LYS A 463 -5.40 47.05 -8.97
C LYS A 463 -6.26 46.37 -7.92
N MET A 464 -7.32 45.68 -8.36
CA MET A 464 -8.15 44.92 -7.43
C MET A 464 -7.32 43.97 -6.60
N MET A 465 -6.35 43.30 -7.22
CA MET A 465 -5.54 42.33 -6.46
C MET A 465 -4.59 43.03 -5.51
N LYS A 466 -3.89 44.07 -5.99
CA LYS A 466 -2.93 44.77 -5.12
C LYS A 466 -3.62 45.38 -3.92
N ASP A 467 -4.79 46.00 -4.13
CA ASP A 467 -5.54 46.59 -3.03
C ASP A 467 -6.02 45.53 -2.04
N LEU A 468 -6.63 44.45 -2.55
CA LEU A 468 -7.11 43.40 -1.66
C LEU A 468 -5.97 42.80 -0.84
N GLU A 469 -4.85 42.48 -1.48
CA GLU A 469 -3.68 41.98 -0.73
C GLU A 469 -3.29 42.94 0.39
N ALA A 470 -3.27 44.25 0.12
CA ALA A 470 -2.83 45.20 1.15
C ALA A 470 -3.86 45.31 2.27
N LEU A 471 -5.14 45.11 1.94
CA LEU A 471 -6.16 45.04 2.97
C LEU A 471 -5.93 43.83 3.87
N MET A 472 -5.58 42.68 3.27
CA MET A 472 -5.39 41.45 4.03
C MET A 472 -4.13 41.48 4.89
N PHE A 473 -3.12 42.25 4.48
CA PHE A 473 -1.85 42.25 5.17
C PHE A 473 -1.89 43.11 6.43
N ASP A 474 -2.89 43.97 6.58
CA ASP A 474 -2.96 44.85 7.74
C ASP A 474 -3.21 44.05 9.01
N ARG A 475 -2.67 44.55 10.12
CA ARG A 475 -2.67 43.81 11.38
C ARG A 475 -4.08 43.45 11.86
N SER A 476 -5.06 44.31 11.60
CA SER A 476 -6.43 44.09 12.07
C SER A 476 -7.23 43.09 11.25
N PHE A 477 -6.74 42.64 10.09
CA PHE A 477 -7.60 41.87 9.20
C PHE A 477 -7.90 40.49 9.74
N VAL A 478 -6.92 39.80 10.32
CA VAL A 478 -7.20 38.55 11.02
C VAL A 478 -8.04 38.85 12.25
N GLY A 479 -9.15 38.12 12.40
CA GLY A 479 -10.11 38.36 13.44
C GLY A 479 -11.31 39.19 13.00
N LYS A 480 -11.26 39.83 11.84
CA LYS A 480 -12.41 40.58 11.34
C LYS A 480 -13.57 39.65 11.06
N GLN A 481 -14.78 40.15 11.26
CA GLN A 481 -15.99 39.35 11.08
C GLN A 481 -16.84 39.90 9.95
N PHE A 482 -17.27 39.01 9.08
CA PHE A 482 -18.17 39.34 7.98
C PHE A 482 -19.42 38.50 8.16
N SER A 483 -20.57 39.15 8.10
CA SER A 483 -21.83 38.42 8.13
C SER A 483 -22.62 38.71 6.86
N ALA A 484 -23.52 37.80 6.51
CA ALA A 484 -24.38 38.09 5.36
C ALA A 484 -25.83 37.81 5.69
N ASN A 485 -26.21 36.55 5.89
CA ASN A 485 -27.56 36.30 6.37
C ASN A 485 -27.46 35.78 7.79
N ASP A 486 -27.80 34.50 7.99
CA ASP A 486 -27.54 33.85 9.26
C ASP A 486 -26.05 33.62 9.50
N LYS A 487 -25.23 33.64 8.45
CA LYS A 487 -23.83 33.27 8.54
C LYS A 487 -22.97 34.41 9.08
N VAL A 488 -22.05 34.06 9.99
CA VAL A 488 -20.94 34.92 10.39
C VAL A 488 -19.64 34.20 10.06
N TYR A 489 -18.74 34.88 9.35
CA TYR A 489 -17.42 34.37 9.00
C TYR A 489 -16.35 35.22 9.67
N THR A 490 -15.41 34.56 10.33
CA THR A 490 -14.32 35.25 11.03
C THR A 490 -13.01 34.91 10.35
N VAL A 491 -12.20 35.93 10.07
CA VAL A 491 -10.94 35.70 9.38
C VAL A 491 -9.97 35.03 10.33
N GLU A 492 -9.55 33.82 9.99
CA GLU A 492 -8.50 33.13 10.71
C GLU A 492 -7.11 33.44 10.13
N LYS A 493 -7.03 33.65 8.83
CA LYS A 493 -5.75 33.81 8.16
C LYS A 493 -6.02 34.39 6.78
N ALA A 494 -5.12 35.25 6.32
CA ALA A 494 -5.27 35.87 5.01
C ALA A 494 -3.87 36.07 4.47
N ASP A 495 -3.62 35.61 3.24
CA ASP A 495 -2.26 35.73 2.72
C ASP A 495 -2.27 35.63 1.20
N ASN A 496 -1.09 35.82 0.64
CA ASN A 496 -0.85 35.57 -0.78
C ASN A 496 -0.05 34.29 -0.82
N PHE A 497 -0.67 33.22 -1.35
CA PHE A 497 -0.18 31.86 -1.18
C PHE A 497 1.23 31.68 -1.73
N GLU A 498 2.09 31.12 -0.90
CA GLU A 498 3.48 30.84 -1.20
C GLU A 498 3.69 29.34 -1.02
N TYR A 499 4.58 28.73 -1.80
CA TYR A 499 4.82 27.29 -1.68
C TYR A 499 6.30 26.99 -1.85
N SER A 500 6.89 26.43 -0.81
CA SER A 500 8.28 25.96 -0.85
C SER A 500 8.23 24.50 -1.24
N ASP A 501 8.67 24.19 -2.45
CA ASP A 501 8.47 22.83 -2.95
C ASP A 501 9.46 21.89 -2.29
N PRO A 502 9.00 20.85 -1.58
CA PRO A 502 9.92 19.99 -0.81
C PRO A 502 10.83 19.10 -1.65
N VAL A 503 10.68 19.07 -2.98
CA VAL A 503 11.56 18.23 -3.76
C VAL A 503 12.62 19.08 -4.45
N ASP A 504 12.20 20.01 -5.32
CA ASP A 504 13.14 20.76 -6.15
C ASP A 504 13.62 22.07 -5.50
N GLY A 505 13.14 22.40 -4.31
CA GLY A 505 13.56 23.60 -3.60
C GLY A 505 12.93 24.90 -4.07
N SER A 506 12.23 24.90 -5.20
CA SER A 506 11.69 26.13 -5.75
C SER A 506 10.68 26.77 -4.80
N ILE A 507 10.61 28.09 -4.83
CA ILE A 507 9.67 28.85 -4.02
C ILE A 507 8.73 29.54 -4.98
N SER A 508 7.44 29.19 -4.92
CA SER A 508 6.42 29.78 -5.77
C SER A 508 5.65 30.82 -4.98
N ARG A 509 5.61 32.05 -5.49
CA ARG A 509 5.03 33.18 -4.77
C ARG A 509 3.89 33.78 -5.56
N ASN A 510 3.08 34.59 -4.87
CA ASN A 510 1.96 35.28 -5.51
CA ASN A 510 1.95 35.28 -5.48
C ASN A 510 1.08 34.27 -6.24
N GLN A 511 0.71 33.19 -5.54
CA GLN A 511 -0.06 32.10 -6.10
C GLN A 511 -1.56 32.22 -5.81
N GLY A 512 -1.97 33.28 -5.15
CA GLY A 512 -3.40 33.47 -4.98
C GLY A 512 -3.72 33.99 -3.60
N LEU A 513 -4.67 34.89 -3.54
CA LEU A 513 -5.03 35.56 -2.30
C LEU A 513 -6.07 34.69 -1.61
N ARG A 514 -5.78 34.31 -0.36
CA ARG A 514 -6.66 33.45 0.41
C ARG A 514 -7.25 34.19 1.61
N LEU A 515 -8.55 34.06 1.78
CA LEU A 515 -9.24 34.46 3.00
CA LEU A 515 -9.23 34.46 3.00
C LEU A 515 -9.71 33.17 3.65
N ILE A 516 -9.09 32.81 4.76
CA ILE A 516 -9.37 31.54 5.42
C ILE A 516 -10.12 31.86 6.70
N PHE A 517 -11.31 31.30 6.83
CA PHE A 517 -12.19 31.59 7.95
C PHE A 517 -12.12 30.46 8.98
N THR A 518 -12.45 30.82 10.23
CA THR A 518 -12.29 29.89 11.34
C THR A 518 -13.18 28.66 11.20
N ASP A 519 -14.25 28.78 10.42
CA ASP A 519 -15.25 27.73 10.28
C ASP A 519 -14.88 26.68 9.23
N GLY A 520 -13.72 26.81 8.57
CA GLY A 520 -13.36 25.92 7.49
C GLY A 520 -13.61 26.45 6.10
N SER A 521 -14.19 27.64 5.97
CA SER A 521 -14.53 28.18 4.66
C SER A 521 -13.37 29.02 4.14
N ARG A 522 -13.37 29.25 2.83
CA ARG A 522 -12.28 30.00 2.22
C ARG A 522 -12.82 30.80 1.06
N ILE A 523 -12.21 31.96 0.83
CA ILE A 523 -12.32 32.70 -0.42
C ILE A 523 -10.91 32.78 -1.00
N VAL A 524 -10.80 32.54 -2.31
CA VAL A 524 -9.53 32.60 -3.01
C VAL A 524 -9.69 33.41 -4.28
N PHE A 525 -8.76 34.33 -4.51
CA PHE A 525 -8.68 35.11 -5.75
C PHE A 525 -7.40 34.76 -6.49
N ARG A 526 -7.51 34.52 -7.80
CA ARG A 526 -6.34 34.37 -8.66
C ARG A 526 -6.55 35.17 -9.93
N LEU A 527 -5.46 35.66 -10.50
CA LEU A 527 -5.42 36.08 -11.90
C LEU A 527 -4.93 34.94 -12.75
N SER A 528 -5.62 34.68 -13.84
CA SER A 528 -5.30 33.56 -14.72
C SER A 528 -3.95 33.77 -15.39
N GLY A 529 -3.06 32.78 -15.29
CA GLY A 529 -1.80 32.76 -16.00
C GLY A 529 -1.83 32.16 -17.39
N THR A 530 -3.01 31.87 -17.94
CA THR A 530 -3.16 31.39 -19.31
C THR A 530 -3.60 32.50 -20.27
N GLY A 531 -3.10 33.72 -20.04
CA GLY A 531 -3.39 34.95 -20.78
C GLY A 531 -4.16 34.87 -22.08
N SER A 532 -5.38 35.42 -22.08
CA SER A 532 -6.23 35.46 -23.29
C SER A 532 -5.96 36.74 -24.08
N ALA A 533 -6.38 37.87 -23.52
CA ALA A 533 -6.23 39.21 -24.05
C ALA A 533 -6.76 40.17 -22.99
N GLY A 534 -5.90 40.59 -22.08
CA GLY A 534 -6.37 41.15 -20.83
C GLY A 534 -6.70 40.06 -19.83
N ALA A 535 -6.61 40.41 -18.55
CA ALA A 535 -6.70 39.44 -17.47
C ALA A 535 -8.03 38.69 -17.45
N THR A 536 -8.03 37.52 -16.81
CA THR A 536 -9.28 36.97 -16.32
C THR A 536 -9.12 36.66 -14.84
N ILE A 537 -10.16 36.95 -14.07
CA ILE A 537 -10.14 36.78 -12.63
C ILE A 537 -10.84 35.47 -12.32
N ARG A 538 -10.26 34.69 -11.41
CA ARG A 538 -10.88 33.47 -10.93
C ARG A 538 -11.13 33.62 -9.45
N LEU A 539 -12.39 33.54 -9.06
CA LEU A 539 -12.79 33.66 -7.67
C LEU A 539 -13.38 32.33 -7.27
N TYR A 540 -12.76 31.70 -6.27
CA TYR A 540 -13.17 30.39 -5.77
C TYR A 540 -13.83 30.58 -4.41
N ILE A 541 -15.01 29.99 -4.24
CA ILE A 541 -15.77 30.10 -3.01
C ILE A 541 -15.92 28.71 -2.43
N ASP A 542 -15.41 28.51 -1.21
CA ASP A 542 -15.45 27.21 -0.53
C ASP A 542 -16.12 27.43 0.83
N SER A 543 -17.39 27.04 0.94
CA SER A 543 -18.17 27.24 2.17
C SER A 543 -18.46 25.88 2.82
N TYR A 544 -17.82 25.61 3.96
CA TYR A 544 -18.03 24.34 4.64
C TYR A 544 -19.30 24.38 5.50
N GLU A 545 -20.03 23.26 5.50
CA GLU A 545 -21.31 23.17 6.17
C GLU A 545 -21.43 21.81 6.83
N LYS A 546 -21.62 21.80 8.15
CA LYS A 546 -21.78 20.60 8.97
C LYS A 546 -23.25 20.23 9.19
N ASP A 547 -24.11 21.23 9.30
CA ASP A 547 -25.53 21.02 9.59
C ASP A 547 -26.17 20.14 8.53
N VAL A 548 -26.90 19.11 8.97
CA VAL A 548 -27.46 18.13 8.03
C VAL A 548 -28.63 18.73 7.24
N ALA A 549 -29.38 19.65 7.85
CA ALA A 549 -30.44 20.34 7.13
C ALA A 549 -29.92 21.40 6.19
N LYS A 550 -28.60 21.57 6.07
CA LYS A 550 -28.03 22.52 5.12
C LYS A 550 -27.15 21.86 4.06
N ILE A 551 -26.77 20.59 4.23
CA ILE A 551 -25.85 19.95 3.29
C ILE A 551 -26.51 19.59 1.96
N ASN A 552 -27.83 19.47 1.91
CA ASN A 552 -28.52 19.07 0.68
C ASN A 552 -29.24 20.25 0.03
N GLN A 553 -28.62 21.41 0.04
CA GLN A 553 -29.22 22.59 -0.53
C GLN A 553 -28.57 22.90 -1.86
N ASP A 554 -29.18 23.83 -2.58
CA ASP A 554 -28.58 24.29 -3.81
C ASP A 554 -27.25 24.96 -3.46
N PRO A 555 -26.15 24.58 -4.10
CA PRO A 555 -24.87 25.22 -3.78
C PRO A 555 -24.85 26.73 -3.99
N GLN A 556 -25.43 27.24 -5.07
CA GLN A 556 -25.37 28.67 -5.30
C GLN A 556 -26.12 29.43 -4.21
N VAL A 557 -27.23 28.88 -3.72
CA VAL A 557 -27.92 29.46 -2.57
C VAL A 557 -27.01 29.47 -1.34
N MET A 558 -26.40 28.33 -1.01
CA MET A 558 -25.56 28.27 0.18
C MET A 558 -24.29 29.10 0.05
N LEU A 559 -23.81 29.33 -1.16
CA LEU A 559 -22.57 30.09 -1.34
C LEU A 559 -22.82 31.60 -1.40
N ALA A 560 -24.08 32.03 -1.50
CA ALA A 560 -24.35 33.46 -1.66
C ALA A 560 -23.78 34.31 -0.54
N PRO A 561 -23.89 33.95 0.75
CA PRO A 561 -23.28 34.81 1.76
C PRO A 561 -21.80 35.04 1.51
N LEU A 562 -21.04 33.96 1.26
CA LEU A 562 -19.62 34.10 1.03
C LEU A 562 -19.32 34.86 -0.27
N ILE A 563 -20.13 34.67 -1.32
CA ILE A 563 -19.95 35.43 -2.54
C ILE A 563 -20.11 36.93 -2.28
N SER A 564 -21.17 37.29 -1.54
CA SER A 564 -21.40 38.68 -1.16
C SER A 564 -20.17 39.28 -0.50
N ILE A 565 -19.59 38.54 0.45
CA ILE A 565 -18.42 39.01 1.16
C ILE A 565 -17.23 39.14 0.21
N ALA A 566 -17.04 38.17 -0.67
CA ALA A 566 -15.91 38.22 -1.61
C ALA A 566 -15.97 39.44 -2.51
N LEU A 567 -17.15 39.72 -3.09
CA LEU A 567 -17.29 40.91 -3.92
C LEU A 567 -17.13 42.19 -3.10
N LYS A 568 -17.74 42.24 -1.92
CA LYS A 568 -17.63 43.42 -1.08
C LYS A 568 -16.18 43.71 -0.72
N VAL A 569 -15.43 42.69 -0.29
CA VAL A 569 -14.11 43.01 0.22
C VAL A 569 -13.15 43.27 -0.93
N SER A 570 -13.35 42.62 -2.08
CA SER A 570 -12.44 42.85 -3.17
C SER A 570 -12.76 44.12 -3.94
N GLN A 571 -14.02 44.58 -3.87
CA GLN A 571 -14.48 45.71 -4.68
C GLN A 571 -14.35 45.38 -6.17
N LEU A 572 -14.67 44.13 -6.53
CA LEU A 572 -14.45 43.66 -7.89
C LEU A 572 -15.31 44.41 -8.89
N GLN A 573 -16.59 44.63 -8.58
CA GLN A 573 -17.44 45.33 -9.54
C GLN A 573 -16.95 46.74 -9.78
N GLU A 574 -16.49 47.40 -8.71
CA GLU A 574 -15.98 48.76 -8.86
C GLU A 574 -14.65 48.77 -9.61
N ARG A 575 -13.80 47.76 -9.40
CA ARG A 575 -12.53 47.71 -10.11
C ARG A 575 -12.69 47.30 -11.58
N THR A 576 -13.68 46.48 -11.92
CA THR A 576 -13.74 45.85 -13.22
C THR A 576 -14.97 46.21 -14.04
N GLY A 577 -15.98 46.83 -13.43
CA GLY A 577 -17.24 47.03 -14.11
C GLY A 577 -18.09 45.80 -14.27
N ARG A 578 -17.64 44.62 -13.83
CA ARG A 578 -18.47 43.42 -13.96
C ARG A 578 -19.48 43.31 -12.80
N THR A 579 -20.75 43.10 -13.13
CA THR A 579 -21.76 42.79 -12.12
C THR A 579 -22.00 41.29 -11.96
N ALA A 580 -21.33 40.46 -12.76
CA ALA A 580 -21.62 39.03 -12.86
C ALA A 580 -20.40 38.37 -13.44
N PRO A 581 -20.04 37.17 -13.01
CA PRO A 581 -19.01 36.42 -13.72
C PRO A 581 -19.45 36.08 -15.13
N THR A 582 -18.43 35.84 -15.98
CA THR A 582 -18.65 35.25 -17.29
C THR A 582 -19.13 33.80 -17.17
N VAL A 583 -18.52 33.03 -16.30
CA VAL A 583 -18.82 31.61 -16.16
C VAL A 583 -18.91 31.29 -14.67
N ILE A 584 -19.93 30.55 -14.28
CA ILE A 584 -20.02 29.94 -12.96
C ILE A 584 -19.82 28.44 -13.13
N THR A 585 -18.96 27.86 -12.32
CA THR A 585 -18.74 26.42 -12.37
C THR A 585 -18.94 25.88 -10.97
N SER B 22 38.16 -4.28 36.42
CA SER B 22 37.06 -4.73 35.56
C SER B 22 36.90 -3.80 34.36
N ASN B 23 37.82 -2.83 34.23
CA ASN B 23 37.96 -2.10 32.99
C ASN B 23 38.76 -2.93 31.98
N MET B 24 39.90 -3.48 32.41
CA MET B 24 40.74 -4.30 31.56
CA MET B 24 40.76 -4.31 31.58
C MET B 24 40.48 -5.78 31.86
N VAL B 25 40.46 -6.60 30.80
CA VAL B 25 40.15 -8.03 30.91
C VAL B 25 41.02 -8.81 29.93
N LYS B 26 41.42 -10.03 30.33
CA LYS B 26 42.27 -10.90 29.52
C LYS B 26 41.42 -11.73 28.55
N ILE B 27 42.04 -12.11 27.43
CA ILE B 27 41.45 -13.06 26.49
C ILE B 27 42.11 -14.41 26.73
N VAL B 28 41.31 -15.41 27.08
CA VAL B 28 41.80 -16.70 27.51
C VAL B 28 41.17 -17.79 26.64
N THR B 29 41.97 -18.75 26.19
CA THR B 29 41.49 -19.88 25.42
C THR B 29 41.26 -21.07 26.35
N VAL B 30 40.08 -21.70 26.23
CA VAL B 30 39.68 -22.79 27.10
C VAL B 30 39.49 -24.05 26.27
N LYS B 31 40.21 -25.12 26.64
CA LYS B 31 40.02 -26.42 26.00
C LYS B 31 38.67 -27.00 26.41
N THR B 32 37.97 -27.58 25.46
CA THR B 32 36.65 -28.11 25.75
C THR B 32 36.50 -29.48 25.10
N GLN B 33 35.45 -30.20 25.48
CA GLN B 33 35.09 -31.45 24.81
C GLN B 33 33.76 -31.24 24.11
N ALA B 34 33.65 -31.75 22.89
CA ALA B 34 32.48 -31.49 22.07
C ALA B 34 31.28 -32.34 22.53
N TYR B 35 30.10 -31.84 22.23
CA TYR B 35 28.86 -32.56 22.46
C TYR B 35 28.28 -32.96 21.11
N GLN B 36 27.43 -33.98 21.13
CA GLN B 36 26.93 -34.54 19.90
C GLN B 36 25.49 -34.15 19.59
N ASP B 37 24.77 -33.54 20.52
CA ASP B 37 23.33 -33.30 20.36
C ASP B 37 22.96 -31.81 20.25
N GLN B 38 23.90 -30.94 19.89
CA GLN B 38 23.60 -29.51 19.81
C GLN B 38 23.14 -29.12 18.39
N LYS B 39 22.01 -29.72 17.96
CA LYS B 39 21.49 -29.51 16.60
C LYS B 39 20.36 -28.49 16.67
N PRO B 40 20.56 -27.26 16.18
CA PRO B 40 19.62 -26.16 16.51
C PRO B 40 18.19 -26.41 16.02
N GLY B 41 18.01 -26.79 14.77
CA GLY B 41 16.63 -26.86 14.30
C GLY B 41 15.98 -25.48 14.12
N THR B 42 14.67 -25.51 13.88
CA THR B 42 13.95 -24.31 13.46
C THR B 42 13.73 -23.32 14.60
N SER B 43 13.44 -23.81 15.80
CA SER B 43 13.21 -22.97 16.96
C SER B 43 14.47 -22.75 17.81
N GLY B 44 15.65 -22.97 17.24
CA GLY B 44 16.88 -22.88 18.01
C GLY B 44 17.14 -24.10 18.89
N LEU B 45 18.35 -24.15 19.45
CA LEU B 45 18.72 -25.25 20.33
C LEU B 45 17.94 -25.18 21.63
N ARG B 46 17.21 -26.26 21.94
CA ARG B 46 16.34 -26.35 23.11
C ARG B 46 16.68 -27.60 23.92
N LYS B 47 17.00 -27.40 25.20
CA LYS B 47 17.30 -28.46 26.14
C LYS B 47 16.69 -28.12 27.48
N ARG B 48 16.60 -29.13 28.35
CA ARG B 48 16.27 -28.88 29.74
C ARG B 48 17.36 -28.02 30.38
N VAL B 49 16.94 -27.06 31.22
CA VAL B 49 17.84 -26.21 31.98
C VAL B 49 18.91 -27.05 32.66
N LYS B 50 18.50 -28.24 33.15
CA LYS B 50 19.42 -29.14 33.83
C LYS B 50 20.59 -29.52 32.93
N VAL B 51 20.34 -29.69 31.62
CA VAL B 51 21.42 -30.05 30.69
C VAL B 51 22.44 -28.93 30.60
N PHE B 52 21.98 -27.68 30.49
CA PHE B 52 22.89 -26.55 30.40
C PHE B 52 23.73 -26.39 31.66
N GLN B 53 23.13 -26.58 32.84
CA GLN B 53 23.87 -26.37 34.08
C GLN B 53 24.87 -27.49 34.35
N SER B 54 24.43 -28.74 34.20
CA SER B 54 25.26 -29.87 34.60
C SER B 54 26.38 -30.11 33.59
N SER B 55 26.03 -30.18 32.30
CA SER B 55 27.02 -30.50 31.28
C SER B 55 28.04 -29.38 31.15
N ALA B 56 29.31 -29.73 31.30
CA ALA B 56 30.36 -28.72 31.30
C ALA B 56 30.51 -28.10 29.92
N ASN B 57 30.56 -26.77 29.88
CA ASN B 57 30.81 -26.02 28.65
C ASN B 57 29.75 -26.27 27.59
N TYR B 58 28.57 -26.75 27.99
CA TYR B 58 27.55 -27.02 27.00
C TYR B 58 27.09 -25.72 26.36
N ALA B 59 26.90 -24.68 27.16
CA ALA B 59 26.52 -23.38 26.61
C ALA B 59 27.70 -22.72 25.90
N GLU B 60 28.88 -22.73 26.53
CA GLU B 60 30.06 -22.11 25.93
C GLU B 60 30.34 -22.70 24.56
N ASN B 61 30.22 -24.02 24.42
CA ASN B 61 30.49 -24.67 23.14
C ASN B 61 29.52 -24.17 22.07
N PHE B 62 28.24 -24.12 22.40
CA PHE B 62 27.25 -23.74 21.40
C PHE B 62 27.42 -22.28 20.99
N ILE B 63 27.74 -21.40 21.94
CA ILE B 63 27.86 -19.98 21.63
C ILE B 63 29.10 -19.71 20.79
N GLN B 64 30.22 -20.34 21.15
CA GLN B 64 31.41 -20.29 20.31
C GLN B 64 31.09 -20.72 18.87
N SER B 65 30.38 -21.84 18.71
CA SER B 65 30.00 -22.31 17.37
C SER B 65 29.19 -21.27 16.59
N ILE B 66 28.21 -20.62 17.23
CA ILE B 66 27.47 -19.56 16.55
C ILE B 66 28.42 -18.47 16.07
N ILE B 67 29.28 -17.96 16.95
CA ILE B 67 30.17 -16.87 16.56
C ILE B 67 31.13 -17.32 15.47
N SER B 68 31.55 -18.59 15.50
CA SER B 68 32.49 -19.09 14.49
C SER B 68 31.92 -19.11 13.08
N THR B 69 30.62 -18.95 12.91
CA THR B 69 30.06 -18.77 11.58
C THR B 69 30.25 -17.36 11.05
N VAL B 70 30.70 -16.44 11.90
CA VAL B 70 30.97 -15.07 11.49
C VAL B 70 32.45 -14.98 11.15
N GLU B 71 32.75 -14.81 9.86
CA GLU B 71 34.13 -14.67 9.41
C GLU B 71 34.84 -13.63 10.27
N PRO B 72 36.05 -13.92 10.76
CA PRO B 72 36.72 -12.99 11.68
C PRO B 72 36.82 -11.57 11.16
N ALA B 73 37.04 -11.38 9.86
CA ALA B 73 37.18 -10.03 9.32
C ALA B 73 35.89 -9.23 9.39
N GLN B 74 34.74 -9.87 9.61
CA GLN B 74 33.48 -9.17 9.73
C GLN B 74 33.05 -8.97 11.18
N ARG B 75 33.86 -9.38 12.16
CA ARG B 75 33.39 -9.39 13.54
C ARG B 75 33.52 -8.03 14.20
N GLN B 76 34.56 -7.27 13.86
CA GLN B 76 34.85 -6.04 14.58
C GLN B 76 33.77 -5.00 14.31
N GLU B 77 33.26 -4.94 13.09
CA GLU B 77 32.18 -4.00 12.79
C GLU B 77 30.80 -4.58 13.05
N ALA B 78 30.72 -5.82 13.55
CA ALA B 78 29.43 -6.48 13.73
C ALA B 78 28.80 -6.17 15.08
N THR B 79 27.48 -6.04 15.09
CA THR B 79 26.71 -5.96 16.31
C THR B 79 25.80 -7.19 16.42
N LEU B 80 25.74 -7.80 17.60
CA LEU B 80 24.77 -8.85 17.87
C LEU B 80 23.74 -8.34 18.88
N VAL B 81 22.45 -8.49 18.57
CA VAL B 81 21.41 -8.21 19.56
C VAL B 81 21.24 -9.43 20.45
N VAL B 82 21.11 -9.23 21.75
CA VAL B 82 21.07 -10.34 22.69
C VAL B 82 19.98 -10.05 23.69
N GLY B 83 19.11 -11.02 23.93
CA GLY B 83 18.07 -10.82 24.90
C GLY B 83 17.27 -12.09 24.99
N GLY B 84 16.47 -12.19 26.05
CA GLY B 84 15.65 -13.36 26.22
C GLY B 84 14.33 -13.13 26.94
N ASP B 85 13.68 -14.23 27.33
CA ASP B 85 12.32 -14.11 27.84
C ASP B 85 12.26 -14.03 29.35
N GLY B 86 13.40 -13.95 30.03
CA GLY B 86 13.46 -13.79 31.47
C GLY B 86 13.53 -15.07 32.26
N ARG B 87 13.39 -16.24 31.61
CA ARG B 87 13.34 -17.49 32.34
C ARG B 87 14.67 -17.78 33.02
N PHE B 88 14.63 -18.69 33.98
CA PHE B 88 15.81 -19.11 34.73
C PHE B 88 16.96 -19.45 33.79
N TYR B 89 18.17 -19.07 34.20
CA TYR B 89 19.44 -19.32 33.50
C TYR B 89 19.68 -18.31 32.38
N MET B 90 18.70 -17.48 32.00
CA MET B 90 18.93 -16.49 30.95
C MET B 90 20.08 -15.55 31.28
N LYS B 91 20.12 -14.99 32.50
CA LYS B 91 21.13 -13.97 32.81
C LYS B 91 22.54 -14.55 32.74
N GLU B 92 22.71 -15.76 33.26
CA GLU B 92 23.98 -16.46 33.20
C GLU B 92 24.43 -16.70 31.75
N ALA B 93 23.51 -17.15 30.91
CA ALA B 93 23.86 -17.36 29.50
C ALA B 93 24.21 -16.05 28.81
N ILE B 94 23.53 -14.97 29.17
CA ILE B 94 23.83 -13.67 28.56
C ILE B 94 25.23 -13.23 28.92
N GLN B 95 25.60 -13.34 30.21
CA GLN B 95 26.95 -13.03 30.64
C GLN B 95 27.98 -13.79 29.80
N LEU B 96 27.73 -15.08 29.62
CA LEU B 96 28.64 -15.95 28.92
C LEU B 96 28.68 -15.67 27.42
N ILE B 97 27.55 -15.24 26.83
CA ILE B 97 27.59 -14.76 25.45
C ILE B 97 28.49 -13.56 25.34
N ALA B 98 28.38 -12.64 26.30
CA ALA B 98 29.23 -11.46 26.29
C ALA B 98 30.70 -11.83 26.41
N ARG B 99 31.02 -12.75 27.33
CA ARG B 99 32.42 -13.07 27.57
CA ARG B 99 32.42 -13.11 27.58
C ARG B 99 33.04 -13.75 26.35
N ILE B 100 32.27 -14.55 25.62
CA ILE B 100 32.79 -15.23 24.44
C ILE B 100 32.80 -14.29 23.23
N ALA B 101 31.72 -13.51 23.04
CA ALA B 101 31.67 -12.62 21.88
C ALA B 101 32.79 -11.58 21.94
N ALA B 102 33.07 -11.05 23.13
CA ALA B 102 34.22 -10.15 23.29
C ALA B 102 35.50 -10.84 22.86
N ALA B 103 35.84 -11.96 23.49
CA ALA B 103 37.10 -12.64 23.20
C ALA B 103 37.22 -13.02 21.73
N ASN B 104 36.10 -13.20 21.04
CA ASN B 104 36.13 -13.60 19.64
C ASN B 104 36.22 -12.41 18.70
N GLY B 105 36.17 -11.19 19.23
CA GLY B 105 36.32 -10.01 18.40
C GLY B 105 35.04 -9.44 17.82
N ILE B 106 33.87 -9.91 18.26
CA ILE B 106 32.65 -9.16 17.99
C ILE B 106 32.81 -7.74 18.55
N GLY B 107 32.49 -6.75 17.71
CA GLY B 107 32.66 -5.38 18.14
C GLY B 107 31.69 -4.98 19.22
N ARG B 108 30.41 -5.34 19.06
CA ARG B 108 29.37 -4.77 19.90
C ARG B 108 28.27 -5.78 20.16
N LEU B 109 27.75 -5.76 21.38
CA LEU B 109 26.47 -6.35 21.72
C LEU B 109 25.47 -5.25 22.07
N VAL B 110 24.24 -5.41 21.62
CA VAL B 110 23.10 -4.61 22.08
C VAL B 110 22.18 -5.54 22.88
N ILE B 111 22.04 -5.28 24.17
CA ILE B 111 21.37 -6.18 25.09
C ILE B 111 20.21 -5.46 25.75
N GLY B 112 19.08 -6.14 25.89
CA GLY B 112 17.97 -5.55 26.60
C GLY B 112 18.26 -5.41 28.09
N GLN B 113 17.75 -4.33 28.69
CA GLN B 113 17.87 -4.14 30.12
C GLN B 113 17.42 -5.40 30.87
N ASN B 114 18.24 -5.82 31.82
CA ASN B 114 18.03 -7.05 32.57
C ASN B 114 18.06 -8.27 31.66
N GLY B 115 18.55 -8.14 30.43
CA GLY B 115 18.56 -9.22 29.47
C GLY B 115 17.25 -9.47 28.78
N ILE B 116 16.23 -8.66 29.06
CA ILE B 116 14.87 -8.88 28.60
C ILE B 116 14.70 -8.29 27.20
N LEU B 117 14.38 -9.15 26.24
CA LEU B 117 13.92 -8.71 24.91
C LEU B 117 12.92 -9.73 24.42
N SER B 118 11.73 -9.28 24.04
CA SER B 118 10.83 -10.21 23.40
C SER B 118 11.40 -10.62 22.05
N THR B 119 11.01 -11.82 21.59
CA THR B 119 11.48 -12.27 20.29
C THR B 119 11.12 -11.28 19.19
N PRO B 120 9.89 -10.74 19.11
CA PRO B 120 9.64 -9.65 18.16
C PRO B 120 10.55 -8.45 18.36
N ALA B 121 10.79 -8.04 19.61
CA ALA B 121 11.69 -6.91 19.87
C ALA B 121 13.08 -7.17 19.29
N VAL B 122 13.62 -8.37 19.53
CA VAL B 122 14.92 -8.72 18.95
C VAL B 122 14.91 -8.54 17.44
N SER B 123 13.87 -9.05 16.79
CA SER B 123 13.75 -8.91 15.34
C SER B 123 13.66 -7.43 14.95
N CYS B 124 12.84 -6.65 15.67
CA CYS B 124 12.78 -5.21 15.46
C CYS B 124 14.17 -4.56 15.51
N ILE B 125 14.93 -4.84 16.57
CA ILE B 125 16.19 -4.16 16.81
C ILE B 125 17.24 -4.56 15.76
N ILE B 126 17.36 -5.85 15.48
CA ILE B 126 18.27 -6.28 14.42
C ILE B 126 18.04 -5.45 13.17
N ARG B 127 16.78 -5.35 12.75
CA ARG B 127 16.47 -4.68 11.49
C ARG B 127 16.68 -3.16 11.60
N LYS B 128 16.41 -2.57 12.77
CA LYS B 128 16.55 -1.13 12.95
C LYS B 128 18.01 -0.70 12.88
N ILE B 129 18.90 -1.40 13.59
CA ILE B 129 20.30 -0.99 13.68
C ILE B 129 21.20 -1.77 12.74
N LYS B 130 20.64 -2.63 11.89
CA LYS B 130 21.43 -3.41 10.92
C LYS B 130 22.49 -4.27 11.62
N ALA B 131 22.08 -4.94 12.68
CA ALA B 131 22.93 -5.96 13.29
C ALA B 131 23.15 -7.13 12.33
N ILE B 132 24.26 -7.84 12.51
CA ILE B 132 24.42 -9.04 11.70
C ILE B 132 23.44 -10.10 12.17
N GLY B 133 22.94 -10.00 13.38
CA GLY B 133 21.93 -10.94 13.83
C GLY B 133 21.73 -10.82 15.31
N GLY B 134 21.30 -11.94 15.90
CA GLY B 134 20.94 -11.91 17.30
C GLY B 134 20.93 -13.31 17.88
N ILE B 135 21.08 -13.38 19.19
CA ILE B 135 20.93 -14.60 19.98
C ILE B 135 19.79 -14.37 20.96
N ILE B 136 18.75 -15.19 20.85
CA ILE B 136 17.57 -15.05 21.70
C ILE B 136 17.58 -16.18 22.72
N LEU B 137 17.50 -15.82 23.99
CA LEU B 137 17.50 -16.78 25.09
C LEU B 137 16.05 -17.07 25.42
N THR B 138 15.49 -18.11 24.80
CA THR B 138 14.09 -18.42 25.06
C THR B 138 13.82 -19.85 24.63
N ALA B 139 12.92 -20.52 25.37
CA ALA B 139 12.23 -21.71 24.88
C ALA B 139 10.74 -21.44 24.77
N SER B 140 10.37 -20.17 24.55
CA SER B 140 9.07 -19.78 23.99
C SER B 140 7.97 -20.19 24.94
N HIS B 141 7.05 -21.07 24.52
CA HIS B 141 5.94 -21.54 25.33
C HIS B 141 6.29 -22.73 26.21
N ASN B 142 7.57 -23.12 26.26
CA ASN B 142 7.88 -24.25 27.10
C ASN B 142 8.24 -23.79 28.52
N PRO B 143 7.99 -24.62 29.54
CA PRO B 143 8.15 -24.13 30.92
C PRO B 143 9.60 -23.75 31.22
N GLY B 144 9.73 -22.83 32.18
CA GLY B 144 11.04 -22.42 32.67
C GLY B 144 11.14 -22.63 34.16
N GLY B 145 12.28 -22.25 34.71
CA GLY B 145 12.55 -22.41 36.11
C GLY B 145 13.73 -23.34 36.32
N PRO B 146 14.15 -23.52 37.60
CA PRO B 146 15.25 -24.45 37.90
C PRO B 146 15.13 -25.82 37.22
N ASN B 147 13.91 -26.34 37.08
CA ASN B 147 13.72 -27.63 36.45
C ASN B 147 12.84 -27.54 35.20
N GLY B 148 13.09 -26.50 34.39
CA GLY B 148 12.36 -26.35 33.15
C GLY B 148 13.21 -26.45 31.89
N ASP B 149 12.82 -25.75 30.83
CA ASP B 149 13.53 -25.76 29.57
C ASP B 149 14.26 -24.45 29.35
N PHE B 150 15.34 -24.54 28.58
CA PHE B 150 16.09 -23.39 28.12
C PHE B 150 16.37 -23.54 26.63
N GLY B 151 16.38 -22.44 25.91
CA GLY B 151 16.63 -22.48 24.48
C GLY B 151 17.48 -21.30 24.05
N ILE B 152 18.22 -21.51 22.96
CA ILE B 152 19.10 -20.51 22.40
C ILE B 152 18.80 -20.43 20.91
N LYS B 153 18.18 -19.34 20.48
CA LYS B 153 17.85 -19.08 19.09
CA LYS B 153 17.85 -19.10 19.08
C LYS B 153 18.90 -18.17 18.47
N PHE B 154 19.25 -18.43 17.21
CA PHE B 154 20.12 -17.57 16.44
C PHE B 154 19.36 -16.94 15.29
N ASN B 155 19.34 -15.62 15.24
CA ASN B 155 18.71 -14.85 14.16
C ASN B 155 19.78 -14.15 13.34
N ILE B 156 19.51 -13.98 12.05
CA ILE B 156 20.46 -13.39 11.13
C ILE B 156 20.08 -11.96 10.78
N SER B 157 20.73 -11.38 9.77
CA SER B 157 20.69 -9.94 9.56
C SER B 157 19.31 -9.44 9.13
N ASN B 158 18.44 -10.30 8.60
CA ASN B 158 17.10 -9.82 8.28
C ASN B 158 16.17 -9.85 9.49
N GLY B 159 16.69 -10.21 10.66
CA GLY B 159 15.87 -10.23 11.85
C GLY B 159 15.15 -11.53 12.10
N GLY B 160 15.27 -12.52 11.20
CA GLY B 160 14.60 -13.79 11.36
C GLY B 160 15.51 -14.93 11.74
N PRO B 161 14.93 -16.10 12.02
CA PRO B 161 15.76 -17.26 12.39
C PRO B 161 16.78 -17.61 11.32
N ALA B 162 17.97 -17.97 11.75
CA ALA B 162 18.95 -18.49 10.82
C ALA B 162 18.36 -19.65 10.03
N PRO B 163 18.53 -19.71 8.71
CA PRO B 163 18.01 -20.84 7.94
C PRO B 163 18.78 -22.12 8.20
N GLU B 164 18.23 -23.21 7.70
CA GLU B 164 18.83 -24.54 7.87
C GLU B 164 20.31 -24.56 7.48
N ALA B 165 20.67 -23.87 6.40
CA ALA B 165 22.08 -23.81 6.00
C ALA B 165 22.97 -23.32 7.15
N ILE B 166 22.54 -22.28 7.87
CA ILE B 166 23.36 -21.73 8.95
C ILE B 166 23.36 -22.68 10.15
N THR B 167 22.17 -23.15 10.56
CA THR B 167 22.12 -24.01 11.74
C THR B 167 22.88 -25.32 11.53
N ASP B 168 22.93 -25.83 10.29
CA ASP B 168 23.75 -27.00 10.01
C ASP B 168 25.23 -26.69 10.23
N LYS B 169 25.70 -25.54 9.72
CA LYS B 169 27.10 -25.18 9.91
C LYS B 169 27.43 -25.06 11.39
N ILE B 170 26.51 -24.49 12.17
CA ILE B 170 26.68 -24.44 13.62
C ILE B 170 26.73 -25.83 14.23
N PHE B 171 25.88 -26.75 13.75
CA PHE B 171 25.95 -28.12 14.24
C PHE B 171 27.28 -28.76 13.91
N GLN B 172 27.75 -28.60 12.66
CA GLN B 172 29.03 -29.23 12.28
C GLN B 172 30.16 -28.68 13.12
N ILE B 173 30.14 -27.38 13.42
CA ILE B 173 31.19 -26.81 14.26
C ILE B 173 31.08 -27.34 15.68
N SER B 174 29.85 -27.45 16.20
CA SER B 174 29.68 -27.83 17.61
C SER B 174 30.17 -29.25 17.88
N LYS B 175 30.06 -30.15 16.89
CA LYS B 175 30.44 -31.55 17.11
C LYS B 175 31.95 -31.76 17.11
N THR B 176 32.71 -30.88 16.46
CA THR B 176 34.16 -31.07 16.36
C THR B 176 34.95 -29.94 17.01
N ILE B 177 34.32 -29.20 17.95
CA ILE B 177 34.97 -28.08 18.62
C ILE B 177 35.96 -28.61 19.67
N GLU B 178 37.08 -27.92 19.84
CA GLU B 178 38.09 -28.32 20.81
C GLU B 178 38.49 -27.19 21.75
N GLU B 179 38.13 -25.96 21.46
CA GLU B 179 38.46 -24.84 22.33
C GLU B 179 37.54 -23.68 22.01
N TYR B 180 37.36 -22.83 23.00
CA TYR B 180 36.65 -21.59 22.81
C TYR B 180 37.44 -20.47 23.49
N ALA B 181 37.19 -19.24 23.05
CA ALA B 181 37.84 -18.06 23.61
C ALA B 181 36.86 -17.29 24.50
N VAL B 182 37.34 -16.81 25.63
CA VAL B 182 36.46 -16.21 26.62
C VAL B 182 37.25 -15.15 27.39
N CYS B 183 36.55 -14.10 27.81
CA CYS B 183 37.14 -13.19 28.78
C CYS B 183 36.51 -13.50 30.13
N PRO B 184 37.10 -14.42 30.90
CA PRO B 184 36.40 -14.94 32.08
C PRO B 184 36.12 -13.90 33.16
N ASP B 185 36.73 -12.72 33.09
CA ASP B 185 36.53 -11.67 34.09
C ASP B 185 35.67 -10.52 33.59
N LEU B 186 35.12 -10.61 32.39
CA LEU B 186 34.21 -9.60 31.87
C LEU B 186 32.82 -9.84 32.45
N LYS B 187 32.29 -8.83 33.16
CA LYS B 187 30.94 -8.88 33.70
C LYS B 187 30.18 -7.68 33.19
N VAL B 188 29.01 -7.91 32.61
CA VAL B 188 28.14 -6.82 32.16
C VAL B 188 27.13 -6.55 33.26
N ASP B 189 26.89 -5.27 33.55
CA ASP B 189 25.79 -4.89 34.44
C ASP B 189 24.55 -4.71 33.56
N LEU B 190 23.67 -5.72 33.60
CA LEU B 190 22.49 -5.71 32.76
C LEU B 190 21.43 -4.76 33.29
N GLY B 191 21.51 -4.35 34.55
CA GLY B 191 20.48 -3.50 35.11
C GLY B 191 20.48 -2.07 34.62
N VAL B 192 21.59 -1.59 34.03
CA VAL B 192 21.85 -0.17 33.88
C VAL B 192 21.88 0.21 32.40
N LEU B 193 21.05 1.19 32.01
CA LEU B 193 21.00 1.62 30.62
C LEU B 193 22.30 2.34 30.20
N GLY B 194 22.67 2.17 28.94
CA GLY B 194 23.77 2.92 28.34
C GLY B 194 24.93 2.05 27.91
N LYS B 195 26.03 2.71 27.56
CA LYS B 195 27.17 2.06 26.94
C LYS B 195 28.18 1.62 28.00
N GLN B 196 28.59 0.37 27.93
CA GLN B 196 29.69 -0.15 28.72
C GLN B 196 30.80 -0.61 27.78
N GLN B 197 32.03 -0.26 28.10
CA GLN B 197 33.15 -0.61 27.26
C GLN B 197 34.14 -1.46 28.03
N PHE B 198 34.80 -2.34 27.30
CA PHE B 198 35.72 -3.27 27.91
C PHE B 198 36.98 -3.24 27.07
N ASP B 199 38.11 -3.05 27.74
CA ASP B 199 39.39 -3.03 27.07
C ASP B 199 39.99 -4.43 27.20
N LEU B 200 40.21 -5.08 26.07
CA LEU B 200 40.68 -6.46 26.03
C LEU B 200 42.20 -6.44 25.98
N GLU B 201 42.84 -7.09 26.96
CA GLU B 201 44.29 -7.16 27.01
C GLU B 201 44.86 -7.55 25.65
N ASN B 202 45.70 -6.66 25.09
CA ASN B 202 46.38 -6.85 23.81
C ASN B 202 45.41 -6.85 22.63
N LYS B 203 44.29 -6.13 22.74
CA LYS B 203 43.42 -5.86 21.60
C LYS B 203 43.24 -4.34 21.51
N PHE B 204 43.28 -3.82 20.27
CA PHE B 204 43.30 -2.38 20.09
C PHE B 204 41.93 -1.75 20.33
N LYS B 205 40.90 -2.18 19.56
CA LYS B 205 39.59 -1.57 19.75
C LYS B 205 38.87 -2.19 20.95
N PRO B 206 38.02 -1.43 21.63
CA PRO B 206 37.33 -1.97 22.81
C PRO B 206 36.12 -2.81 22.44
N PHE B 207 35.67 -3.61 23.40
CA PHE B 207 34.42 -4.32 23.29
C PHE B 207 33.32 -3.44 23.88
N THR B 208 32.23 -3.27 23.12
CA THR B 208 31.15 -2.35 23.48
C THR B 208 29.86 -3.12 23.71
N VAL B 209 29.18 -2.81 24.82
CA VAL B 209 27.86 -3.35 25.12
C VAL B 209 26.91 -2.17 25.37
N GLU B 210 25.86 -2.06 24.58
CA GLU B 210 24.80 -1.09 24.81
C GLU B 210 23.64 -1.81 25.50
N ILE B 211 23.31 -1.37 26.71
CA ILE B 211 22.08 -1.79 27.37
C ILE B 211 21.00 -0.83 26.94
N VAL B 212 19.93 -1.36 26.33
CA VAL B 212 18.84 -0.52 25.87
C VAL B 212 17.58 -0.87 26.65
N ASP B 213 16.63 0.07 26.65
CA ASP B 213 15.32 -0.21 27.22
C ASP B 213 14.70 -1.41 26.48
N SER B 214 14.08 -2.32 27.23
CA SER B 214 13.57 -3.54 26.61
C SER B 214 12.46 -3.25 25.61
N VAL B 215 11.71 -2.16 25.85
CA VAL B 215 10.49 -1.89 25.11
C VAL B 215 10.65 -0.80 24.06
N GLU B 216 11.56 0.15 24.26
CA GLU B 216 11.51 1.42 23.54
C GLU B 216 11.46 1.21 22.02
N ALA B 217 12.44 0.49 21.47
CA ALA B 217 12.50 0.39 20.02
C ALA B 217 11.27 -0.33 19.48
N TYR B 218 10.85 -1.40 20.15
CA TYR B 218 9.64 -2.10 19.77
C TYR B 218 8.42 -1.17 19.79
N ALA B 219 8.27 -0.41 20.90
CA ALA B 219 7.15 0.52 20.97
C ALA B 219 7.27 1.62 19.91
N THR B 220 8.49 2.05 19.62
CA THR B 220 8.63 3.08 18.59
C THR B 220 8.21 2.51 17.23
N MET B 221 8.50 1.24 16.98
CA MET B 221 8.01 0.62 15.77
C MET B 221 6.49 0.55 15.76
N LEU B 222 5.88 0.05 16.84
CA LEU B 222 4.43 -0.04 16.86
C LEU B 222 3.76 1.32 16.70
N ARG B 223 4.38 2.36 17.27
CA ARG B 223 3.81 3.71 17.23
C ARG B 223 3.56 4.17 15.79
N SER B 224 4.43 3.79 14.84
CA SER B 224 4.19 4.14 13.44
C SER B 224 3.37 3.09 12.68
N ILE B 225 3.15 1.90 13.25
CA ILE B 225 2.30 0.91 12.59
C ILE B 225 0.84 1.21 12.87
N PHE B 226 0.51 1.38 14.13
CA PHE B 226 -0.86 1.59 14.58
C PHE B 226 -1.12 3.06 14.83
N ASP B 227 -2.40 3.38 15.02
CA ASP B 227 -2.85 4.74 15.32
C ASP B 227 -3.01 4.86 16.84
N PHE B 228 -1.93 5.24 17.53
CA PHE B 228 -1.98 5.27 18.99
C PHE B 228 -3.04 6.24 19.51
N SER B 229 -3.26 7.34 18.79
CA SER B 229 -4.34 8.27 19.14
CA SER B 229 -4.34 8.27 19.15
C SER B 229 -5.69 7.55 19.19
N ALA B 230 -6.04 6.86 18.09
CA ALA B 230 -7.30 6.12 18.05
C ALA B 230 -7.36 5.08 19.14
N LEU B 231 -6.25 4.38 19.41
CA LEU B 231 -6.26 3.33 20.41
C LEU B 231 -6.39 3.90 21.82
N LYS B 232 -5.77 5.06 22.09
CA LYS B 232 -5.88 5.57 23.46
C LYS B 232 -7.27 6.16 23.71
N GLU B 233 -7.91 6.72 22.68
CA GLU B 233 -9.34 7.01 22.83
C GLU B 233 -10.16 5.74 23.04
N LEU B 234 -9.77 4.62 22.43
CA LEU B 234 -10.51 3.38 22.65
C LEU B 234 -10.39 2.89 24.08
N LEU B 235 -9.20 2.99 24.68
CA LEU B 235 -8.95 2.34 25.95
C LEU B 235 -9.12 3.26 27.15
N SER B 236 -9.32 4.57 26.95
CA SER B 236 -9.65 5.52 28.00
C SER B 236 -11.06 6.07 27.77
N GLY B 237 -11.51 6.92 28.69
CA GLY B 237 -12.79 7.56 28.51
C GLY B 237 -13.92 6.80 29.14
N PRO B 238 -15.05 7.49 29.39
CA PRO B 238 -16.15 6.85 30.13
C PRO B 238 -16.58 5.52 29.54
N ASN B 239 -16.80 5.48 28.23
CA ASN B 239 -17.22 4.25 27.55
C ASN B 239 -16.04 3.54 26.90
N ARG B 240 -14.97 3.38 27.67
CA ARG B 240 -13.77 2.73 27.18
C ARG B 240 -14.04 1.26 26.87
N LEU B 241 -13.19 0.69 26.04
CA LEU B 241 -13.15 -0.76 25.89
C LEU B 241 -12.47 -1.37 27.10
N LYS B 242 -13.07 -2.41 27.67
CA LYS B 242 -12.55 -3.06 28.87
C LYS B 242 -11.76 -4.28 28.44
N ILE B 243 -10.46 -4.31 28.77
CA ILE B 243 -9.55 -5.36 28.30
C ILE B 243 -8.81 -5.99 29.48
N ARG B 244 -8.52 -7.30 29.36
CA ARG B 244 -7.61 -7.98 30.29
C ARG B 244 -6.56 -8.70 29.45
N ILE B 245 -5.30 -8.40 29.70
CA ILE B 245 -4.17 -8.85 28.88
C ILE B 245 -3.25 -9.66 29.78
N ASP B 246 -3.12 -10.95 29.50
CA ASP B 246 -2.39 -11.89 30.35
C ASP B 246 -1.03 -12.20 29.72
N ALA B 247 0.05 -11.65 30.28
CA ALA B 247 1.39 -11.93 29.77
C ALA B 247 1.95 -13.25 30.28
N MET B 248 1.23 -13.96 31.13
CA MET B 248 1.59 -15.30 31.60
C MET B 248 2.96 -15.31 32.25
N HIS B 249 3.28 -14.21 32.92
CA HIS B 249 4.55 -14.04 33.63
C HIS B 249 5.74 -14.14 32.69
N GLY B 250 5.55 -13.79 31.42
CA GLY B 250 6.57 -13.88 30.41
C GLY B 250 7.07 -12.52 29.95
N VAL B 251 7.83 -12.54 28.85
CA VAL B 251 8.61 -11.37 28.46
C VAL B 251 7.73 -10.20 28.02
N VAL B 252 6.48 -10.45 27.62
CA VAL B 252 5.63 -9.38 27.11
C VAL B 252 5.09 -8.49 28.22
N GLY B 253 5.29 -8.86 29.49
CA GLY B 253 4.77 -8.10 30.60
C GLY B 253 5.08 -6.62 30.55
N PRO B 254 6.37 -6.26 30.52
CA PRO B 254 6.71 -4.83 30.48
C PRO B 254 6.25 -4.15 29.22
N TYR B 255 6.18 -4.87 28.10
CA TYR B 255 5.66 -4.31 26.86
C TYR B 255 4.19 -3.95 27.01
N VAL B 256 3.42 -4.80 27.68
CA VAL B 256 2.02 -4.49 27.95
C VAL B 256 1.90 -3.25 28.84
N LYS B 257 2.61 -3.27 29.98
CA LYS B 257 2.51 -2.17 30.92
C LYS B 257 2.93 -0.86 30.26
N LYS B 258 4.06 -0.87 29.54
CA LYS B 258 4.60 0.38 29.03
C LYS B 258 3.83 0.87 27.82
N ILE B 259 3.25 -0.02 27.02
CA ILE B 259 2.56 0.41 25.80
C ILE B 259 1.07 0.58 26.08
N LEU B 260 0.41 -0.48 26.52
CA LEU B 260 -1.04 -0.45 26.63
C LEU B 260 -1.51 0.36 27.82
N CYS B 261 -0.78 0.31 28.93
CA CYS B 261 -1.18 1.06 30.12
C CYS B 261 -0.62 2.48 30.10
N GLU B 262 0.71 2.60 30.19
CA GLU B 262 1.34 3.91 30.34
C GLU B 262 1.08 4.81 29.13
N GLU B 263 1.28 4.28 27.92
CA GLU B 263 1.09 5.10 26.73
C GLU B 263 -0.37 5.12 26.25
N LEU B 264 -1.05 3.98 26.18
CA LEU B 264 -2.40 3.99 25.62
C LEU B 264 -3.48 4.24 26.67
N GLY B 265 -3.14 4.20 27.95
CA GLY B 265 -4.07 4.65 28.97
C GLY B 265 -5.00 3.58 29.51
N ALA B 266 -4.87 2.34 29.07
CA ALA B 266 -5.61 1.25 29.70
C ALA B 266 -5.35 1.26 31.21
N PRO B 267 -6.38 1.08 32.05
CA PRO B 267 -6.14 0.96 33.49
C PRO B 267 -5.12 -0.13 33.79
N ALA B 268 -4.33 0.08 34.84
CA ALA B 268 -3.29 -0.88 35.16
C ALA B 268 -3.85 -2.24 35.56
N ASN B 269 -5.14 -2.30 35.92
CA ASN B 269 -5.83 -3.58 36.06
C ASN B 269 -5.79 -4.41 34.78
N SER B 270 -5.64 -3.75 33.62
CA SER B 270 -5.73 -4.43 32.34
C SER B 270 -4.58 -5.41 32.13
N ALA B 271 -3.51 -5.29 32.89
CA ALA B 271 -2.26 -6.02 32.66
C ALA B 271 -2.14 -7.07 33.75
N VAL B 272 -2.52 -8.29 33.40
CA VAL B 272 -2.46 -9.42 34.32
C VAL B 272 -1.13 -10.14 34.11
N ASN B 273 -0.53 -10.58 35.21
CA ASN B 273 0.69 -11.41 35.16
C ASN B 273 1.78 -10.78 34.29
N CYS B 274 1.98 -9.48 34.47
CA CYS B 274 2.84 -8.70 33.58
C CYS B 274 4.16 -8.33 34.25
N VAL B 275 4.59 -9.15 35.21
CA VAL B 275 5.93 -9.06 35.79
C VAL B 275 6.67 -10.35 35.42
N PRO B 276 7.68 -10.28 34.55
CA PRO B 276 8.41 -11.51 34.15
C PRO B 276 8.98 -12.23 35.36
N LEU B 277 8.70 -13.54 35.43
CA LEU B 277 9.21 -14.43 36.47
C LEU B 277 10.12 -15.47 35.83
N GLU B 278 11.20 -15.81 36.53
CA GLU B 278 12.15 -16.80 36.02
C GLU B 278 11.53 -18.18 35.85
N ASP B 279 10.39 -18.44 36.49
CA ASP B 279 9.67 -19.70 36.33
C ASP B 279 8.30 -19.53 35.68
N PHE B 280 7.99 -18.33 35.17
CA PHE B 280 6.67 -18.02 34.60
C PHE B 280 5.54 -18.36 35.58
N GLY B 281 5.78 -18.12 36.86
CA GLY B 281 4.77 -18.41 37.88
C GLY B 281 4.50 -19.87 38.13
N GLY B 282 5.40 -20.77 37.70
CA GLY B 282 5.21 -22.20 37.79
C GLY B 282 4.33 -22.81 36.72
N HIS B 283 3.70 -22.01 35.86
CA HIS B 283 2.81 -22.49 34.82
C HIS B 283 3.50 -22.41 33.46
N HIS B 284 2.90 -23.08 32.48
CA HIS B 284 3.41 -23.01 31.11
C HIS B 284 3.04 -21.67 30.49
N PRO B 285 4.02 -20.92 29.97
CA PRO B 285 3.68 -19.64 29.29
C PRO B 285 3.19 -19.88 27.87
N ASP B 286 2.02 -20.51 27.78
CA ASP B 286 1.46 -21.02 26.52
C ASP B 286 0.03 -20.51 26.39
N PRO B 287 -0.26 -19.65 25.41
CA PRO B 287 -1.61 -19.08 25.33
C PRO B 287 -2.60 -20.01 24.63
N ASN B 288 -3.36 -20.77 25.39
CA ASN B 288 -4.51 -21.51 24.87
C ASN B 288 -5.51 -21.67 26.00
N LEU B 289 -6.67 -22.26 25.71
CA LEU B 289 -7.72 -22.30 26.72
C LEU B 289 -7.35 -23.18 27.91
N THR B 290 -6.38 -24.09 27.76
CA THR B 290 -5.91 -24.91 28.87
C THR B 290 -5.01 -24.09 29.79
N TYR B 291 -3.80 -23.72 29.32
CA TYR B 291 -2.83 -23.08 30.21
C TYR B 291 -3.20 -21.64 30.58
N ALA B 292 -4.01 -20.96 29.77
CA ALA B 292 -4.49 -19.63 30.10
C ALA B 292 -5.93 -19.65 30.63
N ALA B 293 -6.30 -20.69 31.39
CA ALA B 293 -7.67 -20.81 31.86
C ALA B 293 -8.01 -19.73 32.88
N ASP B 294 -7.03 -19.27 33.66
CA ASP B 294 -7.28 -18.16 34.56
C ASP B 294 -7.86 -16.97 33.80
N LEU B 295 -7.23 -16.60 32.69
CA LEU B 295 -7.77 -15.52 31.87
C LEU B 295 -9.17 -15.86 31.41
N VAL B 296 -9.44 -17.13 31.16
CA VAL B 296 -10.76 -17.51 30.66
C VAL B 296 -11.83 -17.31 31.73
N GLU B 297 -11.58 -17.82 32.95
CA GLU B 297 -12.52 -17.58 34.04
C GLU B 297 -12.85 -16.10 34.17
N THR B 298 -11.82 -15.26 34.18
CA THR B 298 -12.02 -13.81 34.25
C THR B 298 -12.94 -13.31 33.14
N MET B 299 -12.74 -13.78 31.90
CA MET B 299 -13.56 -13.31 30.79
C MET B 299 -14.99 -13.81 30.89
N LYS B 300 -15.19 -15.03 31.44
CA LYS B 300 -16.53 -15.57 31.58
C LYS B 300 -17.42 -14.67 32.44
N SER B 301 -16.83 -13.85 33.30
CA SER B 301 -17.61 -12.95 34.15
C SER B 301 -18.41 -11.91 33.36
N GLY B 302 -18.04 -11.66 32.11
CA GLY B 302 -18.72 -10.65 31.32
C GLY B 302 -18.40 -9.21 31.69
N GLU B 303 -17.40 -8.99 32.54
CA GLU B 303 -17.02 -7.62 32.89
C GLU B 303 -16.10 -6.98 31.87
N HIS B 304 -15.62 -7.72 30.86
CA HIS B 304 -14.60 -7.26 29.94
C HIS B 304 -15.00 -7.53 28.50
N ASP B 305 -14.60 -6.62 27.62
CA ASP B 305 -14.92 -6.76 26.20
C ASP B 305 -13.92 -7.63 25.46
N PHE B 306 -12.67 -7.70 25.93
CA PHE B 306 -11.57 -8.23 25.14
C PHE B 306 -10.52 -8.78 26.08
N GLY B 307 -10.05 -9.99 25.79
CA GLY B 307 -8.97 -10.59 26.52
C GLY B 307 -7.91 -11.11 25.55
N ALA B 308 -6.72 -11.36 26.09
CA ALA B 308 -5.64 -11.90 25.30
C ALA B 308 -4.56 -12.45 26.22
N ALA B 309 -3.80 -13.43 25.73
CA ALA B 309 -2.64 -13.98 26.42
C ALA B 309 -1.51 -14.25 25.43
N PHE B 310 -0.27 -14.19 25.93
CA PHE B 310 0.93 -14.32 25.12
C PHE B 310 1.81 -15.45 25.63
N ASP B 311 2.65 -16.01 24.75
CA ASP B 311 3.58 -17.03 25.22
C ASP B 311 4.81 -16.37 25.82
N GLY B 312 5.77 -17.20 26.22
CA GLY B 312 6.92 -16.72 26.97
C GLY B 312 7.75 -15.67 26.24
N ASP B 313 7.90 -15.80 24.92
CA ASP B 313 8.76 -14.88 24.17
C ASP B 313 7.98 -13.90 23.30
N GLY B 314 6.65 -13.98 23.28
CA GLY B 314 5.84 -12.94 22.73
C GLY B 314 5.46 -13.05 21.26
N ASP B 315 5.65 -14.21 20.63
CA ASP B 315 5.26 -14.31 19.22
C ASP B 315 3.97 -15.09 19.01
N ARG B 316 3.30 -15.54 20.08
CA ARG B 316 1.98 -16.16 19.98
C ARG B 316 0.93 -15.34 20.70
N ASN B 317 -0.32 -15.49 20.28
CA ASN B 317 -1.40 -14.76 20.93
C ASN B 317 -2.68 -15.59 20.88
N MET B 318 -3.46 -15.52 21.97
CA MET B 318 -4.84 -15.99 22.00
C MET B 318 -5.77 -14.79 22.18
N ILE B 319 -6.84 -14.75 21.40
CA ILE B 319 -7.79 -13.64 21.40
C ILE B 319 -9.12 -14.10 21.98
N LEU B 320 -9.64 -13.36 22.95
CA LEU B 320 -10.94 -13.67 23.55
C LEU B 320 -11.87 -12.46 23.50
N GLY B 321 -13.16 -12.76 23.30
CA GLY B 321 -14.19 -11.76 23.34
C GLY B 321 -14.92 -11.78 24.67
N LYS B 322 -15.99 -10.98 24.74
CA LYS B 322 -16.81 -10.91 25.94
C LYS B 322 -17.37 -12.29 26.30
N HIS B 323 -17.42 -12.57 27.61
CA HIS B 323 -17.86 -13.84 28.18
C HIS B 323 -16.93 -14.99 27.83
N GLY B 324 -15.73 -14.68 27.35
CA GLY B 324 -14.77 -15.71 26.99
C GLY B 324 -14.96 -16.31 25.62
N PHE B 325 -15.72 -15.66 24.76
CA PHE B 325 -15.82 -16.02 23.35
C PHE B 325 -14.43 -16.23 22.75
N PHE B 326 -14.17 -17.47 22.34
CA PHE B 326 -12.88 -17.87 21.78
C PHE B 326 -12.90 -17.61 20.28
N VAL B 327 -11.99 -16.78 19.80
CA VAL B 327 -11.79 -16.63 18.36
C VAL B 327 -10.60 -17.51 18.00
N ASN B 328 -10.82 -18.47 17.12
CA ASN B 328 -9.69 -19.36 17.00
C ASN B 328 -8.62 -18.74 16.10
N PRO B 329 -7.35 -19.06 16.33
CA PRO B 329 -6.27 -18.37 15.61
C PRO B 329 -6.45 -18.40 14.11
N SER B 330 -7.05 -19.47 13.58
CA SER B 330 -7.28 -19.53 12.14
C SER B 330 -8.30 -18.48 11.70
N ASP B 331 -9.33 -18.25 12.51
CA ASP B 331 -10.27 -17.18 12.17
C ASP B 331 -9.65 -15.81 12.41
N SER B 332 -8.85 -15.68 13.47
CA SER B 332 -8.34 -14.38 13.88
C SER B 332 -7.57 -13.73 12.74
N VAL B 333 -6.69 -14.49 12.08
CA VAL B 333 -5.93 -13.94 10.96
C VAL B 333 -6.87 -13.54 9.83
N ALA B 334 -7.96 -14.30 9.62
CA ALA B 334 -8.88 -13.94 8.54
C ALA B 334 -9.65 -12.66 8.86
N VAL B 335 -10.02 -12.46 10.13
CA VAL B 335 -10.70 -11.22 10.52
C VAL B 335 -9.77 -10.03 10.29
N ILE B 336 -8.51 -10.17 10.69
CA ILE B 336 -7.54 -9.11 10.47
C ILE B 336 -7.39 -8.85 8.98
N ALA B 337 -7.32 -9.91 8.18
CA ALA B 337 -7.31 -9.75 6.74
C ALA B 337 -8.57 -9.02 6.25
N ALA B 338 -9.74 -9.41 6.76
CA ALA B 338 -10.97 -8.76 6.29
C ALA B 338 -11.04 -7.28 6.65
N ASN B 339 -10.25 -6.82 7.63
CA ASN B 339 -10.32 -5.45 8.13
C ASN B 339 -8.94 -4.81 8.14
N ILE B 340 -8.06 -5.27 7.24
CA ILE B 340 -6.65 -4.92 7.34
C ILE B 340 -6.43 -3.42 7.20
N PHE B 341 -7.29 -2.73 6.47
CA PHE B 341 -7.04 -1.32 6.25
C PHE B 341 -7.49 -0.46 7.42
N SER B 342 -7.97 -1.06 8.51
CA SER B 342 -8.09 -0.35 9.79
C SER B 342 -6.73 -0.03 10.40
N ILE B 343 -5.65 -0.54 9.83
CA ILE B 343 -4.31 -0.45 10.39
C ILE B 343 -3.49 0.47 9.50
N PRO B 344 -3.02 1.63 10.01
CA PRO B 344 -2.35 2.62 9.14
C PRO B 344 -1.20 2.03 8.35
N TYR B 345 -0.46 1.10 8.95
CA TYR B 345 0.66 0.48 8.26
C TYR B 345 0.23 -0.12 6.92
N PHE B 346 -0.93 -0.78 6.87
CA PHE B 346 -1.31 -1.36 5.58
C PHE B 346 -1.96 -0.33 4.68
N GLN B 347 -2.69 0.64 5.24
CA GLN B 347 -3.10 1.79 4.45
C GLN B 347 -1.93 2.34 3.65
N GLN B 348 -0.75 2.42 4.29
CA GLN B 348 0.40 3.10 3.71
C GLN B 348 1.29 2.19 2.86
N THR B 349 1.47 0.91 3.25
CA THR B 349 2.28 -0.01 2.45
C THR B 349 1.46 -0.82 1.47
N GLY B 350 0.17 -0.97 1.70
CA GLY B 350 -0.60 -1.88 0.89
C GLY B 350 -0.50 -3.29 1.42
N VAL B 351 -1.29 -4.16 0.81
CA VAL B 351 -1.29 -5.59 1.13
C VAL B 351 -0.60 -6.32 0.00
N ARG B 352 0.58 -6.86 0.28
CA ARG B 352 1.38 -7.51 -0.74
C ARG B 352 1.10 -9.00 -0.85
N GLY B 353 0.36 -9.58 0.09
CA GLY B 353 -0.03 -10.98 0.02
C GLY B 353 -0.45 -11.52 1.35
N PHE B 354 -1.19 -12.63 1.30
CA PHE B 354 -1.64 -13.36 2.48
C PHE B 354 -1.01 -14.75 2.49
N ALA B 355 -0.83 -15.32 3.69
CA ALA B 355 -0.30 -16.68 3.81
C ALA B 355 -0.74 -17.32 5.11
N ARG B 356 -0.87 -18.63 5.06
CA ARG B 356 -1.11 -19.45 6.24
C ARG B 356 -0.34 -20.75 6.06
N SER B 357 -0.04 -21.41 7.17
CA SER B 357 0.50 -22.75 7.06
C SER B 357 -0.61 -23.67 6.55
N MET B 358 -0.20 -24.70 5.81
CA MET B 358 -1.17 -25.61 5.19
C MET B 358 -2.19 -26.18 6.17
N PRO B 359 -1.85 -26.59 7.39
CA PRO B 359 -2.88 -27.14 8.29
C PRO B 359 -3.78 -26.09 8.94
N THR B 360 -3.46 -24.80 8.78
CA THR B 360 -4.35 -23.73 9.25
C THR B 360 -5.65 -23.75 8.45
N SER B 361 -6.75 -23.39 9.12
CA SER B 361 -8.05 -23.39 8.45
C SER B 361 -8.02 -22.51 7.21
N GLY B 362 -8.92 -22.80 6.27
CA GLY B 362 -9.01 -22.01 5.07
C GLY B 362 -9.85 -20.75 5.19
N ALA B 363 -10.05 -20.25 6.41
CA ALA B 363 -10.79 -19.01 6.60
C ALA B 363 -10.12 -17.87 5.86
N LEU B 364 -8.80 -17.72 6.06
CA LEU B 364 -8.01 -16.72 5.34
C LEU B 364 -8.25 -16.76 3.84
N ASP B 365 -8.32 -17.97 3.26
CA ASP B 365 -8.44 -18.12 1.81
C ASP B 365 -9.68 -17.41 1.27
N ARG B 366 -10.78 -17.48 2.01
CA ARG B 366 -12.01 -16.88 1.54
C ARG B 366 -11.92 -15.37 1.51
N VAL B 367 -11.20 -14.77 2.47
CA VAL B 367 -11.00 -13.33 2.43
C VAL B 367 -10.06 -12.98 1.28
N ALA B 368 -9.01 -13.78 1.08
CA ALA B 368 -8.07 -13.47 0.01
C ALA B 368 -8.75 -13.58 -1.35
N SER B 369 -9.65 -14.56 -1.49
CA SER B 369 -10.32 -14.79 -2.76
C SER B 369 -11.27 -13.64 -3.11
N ALA B 370 -12.11 -13.25 -2.15
CA ALA B 370 -13.07 -12.17 -2.41
C ALA B 370 -12.36 -10.85 -2.69
N THR B 371 -11.28 -10.59 -1.97
CA THR B 371 -10.52 -9.36 -2.13
C THR B 371 -9.44 -9.46 -3.21
N LYS B 372 -9.18 -10.66 -3.72
CA LYS B 372 -8.22 -10.87 -4.82
C LYS B 372 -6.81 -10.40 -4.45
N ILE B 373 -6.36 -10.77 -3.23
CA ILE B 373 -4.96 -10.78 -2.86
C ILE B 373 -4.49 -12.24 -2.90
N ALA B 374 -3.21 -12.44 -3.18
CA ALA B 374 -2.68 -13.80 -3.29
C ALA B 374 -2.66 -14.48 -1.93
N LEU B 375 -3.04 -15.76 -1.92
CA LEU B 375 -3.00 -16.60 -0.73
C LEU B 375 -1.89 -17.63 -0.91
N TYR B 376 -0.84 -17.55 -0.09
CA TYR B 376 0.23 -18.55 -0.12
C TYR B 376 -0.03 -19.59 0.96
N GLU B 377 -0.06 -20.86 0.57
CA GLU B 377 -0.31 -21.96 1.49
C GLU B 377 0.95 -22.78 1.66
N THR B 378 1.46 -22.81 2.88
CA THR B 378 2.87 -23.02 3.13
C THR B 378 3.08 -24.16 4.14
N PRO B 379 4.22 -24.85 4.09
CA PRO B 379 4.48 -25.87 5.12
C PRO B 379 4.69 -25.22 6.46
N THR B 380 4.53 -26.02 7.52
CA THR B 380 4.76 -25.46 8.86
C THR B 380 6.22 -25.01 8.97
N GLY B 381 6.39 -23.79 9.50
CA GLY B 381 7.71 -23.21 9.70
C GLY B 381 7.79 -21.75 9.24
N TRP B 382 8.56 -20.95 9.98
CA TRP B 382 8.60 -19.51 9.70
C TRP B 382 9.21 -19.22 8.33
N LYS B 383 10.28 -19.94 7.95
CA LYS B 383 11.13 -19.51 6.83
C LYS B 383 10.31 -19.32 5.56
N PHE B 384 9.22 -20.07 5.41
CA PHE B 384 8.40 -19.94 4.22
C PHE B 384 7.69 -18.59 4.21
N PHE B 385 7.20 -18.13 5.36
CA PHE B 385 6.67 -16.77 5.44
C PHE B 385 7.77 -15.75 5.20
N GLY B 386 8.91 -15.92 5.88
CA GLY B 386 9.96 -14.92 5.82
C GLY B 386 10.47 -14.70 4.41
N ASN B 387 10.61 -15.78 3.63
CA ASN B 387 11.02 -15.66 2.23
C ASN B 387 10.05 -14.78 1.46
N LEU B 388 8.75 -15.05 1.58
CA LEU B 388 7.77 -14.26 0.84
C LEU B 388 7.75 -12.82 1.31
N MET B 389 7.94 -12.59 2.62
CA MET B 389 8.07 -11.23 3.11
C MET B 389 9.29 -10.56 2.48
N ASP B 390 10.42 -11.27 2.45
CA ASP B 390 11.63 -10.68 1.88
C ASP B 390 11.49 -10.47 0.39
N ALA B 391 10.54 -11.15 -0.25
CA ALA B 391 10.25 -10.96 -1.66
C ALA B 391 9.21 -9.86 -1.90
N SER B 392 8.82 -9.14 -0.86
CA SER B 392 7.76 -8.13 -0.94
C SER B 392 6.45 -8.74 -1.41
N LYS B 393 6.21 -10.01 -1.05
CA LYS B 393 5.04 -10.71 -1.51
C LYS B 393 4.09 -11.11 -0.39
N LEU B 394 4.38 -10.76 0.87
CA LEU B 394 3.59 -11.23 2.00
C LEU B 394 3.41 -10.12 3.01
N SER B 395 2.15 -9.76 3.30
CA SER B 395 1.88 -8.73 4.27
C SER B 395 1.29 -9.25 5.57
N LEU B 396 0.52 -10.33 5.53
CA LEU B 396 -0.12 -10.87 6.72
C LEU B 396 -0.11 -12.39 6.66
N CYS B 397 0.32 -13.02 7.76
CA CYS B 397 0.33 -14.47 7.84
C CYS B 397 -0.22 -14.90 9.20
N GLY B 398 -0.78 -16.10 9.22
CA GLY B 398 -1.17 -16.74 10.47
C GLY B 398 -0.92 -18.23 10.41
N GLU B 399 -0.87 -18.83 11.59
CA GLU B 399 -0.86 -20.27 11.68
C GLU B 399 -1.77 -20.64 12.83
N GLU B 400 -2.29 -21.87 12.79
CA GLU B 400 -3.31 -22.29 13.73
C GLU B 400 -2.78 -22.40 15.16
N SER B 401 -1.49 -22.68 15.32
CA SER B 401 -0.84 -22.67 16.62
C SER B 401 -0.67 -21.27 17.21
N PHE B 402 -1.74 -20.46 17.20
CA PHE B 402 -1.79 -19.13 17.86
C PHE B 402 -0.72 -18.17 17.31
N GLY B 403 -0.49 -18.22 16.01
CA GLY B 403 0.55 -17.40 15.43
C GLY B 403 -0.02 -16.38 14.45
N THR B 404 0.31 -15.10 14.62
CA THR B 404 -0.10 -14.05 13.71
C THR B 404 1.05 -13.07 13.56
N GLY B 405 1.32 -12.66 12.32
CA GLY B 405 2.42 -11.76 12.08
C GLY B 405 2.22 -11.00 10.81
N SER B 406 3.08 -9.99 10.59
CA SER B 406 3.09 -9.20 9.37
C SER B 406 4.53 -8.97 9.00
N ASP B 407 4.77 -8.33 7.86
CA ASP B 407 6.18 -8.12 7.50
C ASP B 407 6.79 -6.88 8.17
N HIS B 408 6.17 -6.33 9.23
CA HIS B 408 6.88 -5.31 10.01
C HIS B 408 8.15 -5.86 10.65
N ILE B 409 8.25 -7.18 10.84
CA ILE B 409 9.47 -7.83 11.30
C ILE B 409 9.59 -9.21 10.65
N ARG B 410 10.47 -10.03 11.17
CA ARG B 410 10.71 -11.36 10.63
C ARG B 410 10.55 -12.41 11.72
N GLU B 411 9.64 -12.13 12.66
CA GLU B 411 9.12 -13.10 13.61
C GLU B 411 7.62 -12.87 13.69
N LYS B 412 6.89 -13.82 14.25
CA LYS B 412 5.50 -13.52 14.56
C LYS B 412 5.46 -12.62 15.81
N ASP B 413 4.30 -12.05 16.10
CA ASP B 413 4.26 -10.95 17.08
C ASP B 413 2.90 -10.94 17.78
N GLY B 414 2.87 -11.46 19.01
CA GLY B 414 1.59 -11.55 19.71
C GLY B 414 1.00 -10.19 20.05
N LEU B 415 1.82 -9.28 20.57
CA LEU B 415 1.26 -7.99 20.98
C LEU B 415 0.83 -7.18 19.76
N TRP B 416 1.56 -7.31 18.66
CA TRP B 416 1.13 -6.69 17.41
C TRP B 416 -0.27 -7.15 17.06
N ALA B 417 -0.52 -8.46 17.15
CA ALA B 417 -1.84 -8.98 16.79
C ALA B 417 -2.92 -8.39 17.67
N VAL B 418 -2.63 -8.22 18.97
CA VAL B 418 -3.60 -7.62 19.88
C VAL B 418 -3.87 -6.16 19.48
N LEU B 419 -2.81 -5.41 19.17
CA LEU B 419 -3.06 -4.04 18.73
C LEU B 419 -3.77 -4.02 17.39
N ALA B 420 -3.50 -5.01 16.54
CA ALA B 420 -4.29 -5.18 15.32
C ALA B 420 -5.77 -5.31 15.67
N TRP B 421 -6.11 -6.29 16.53
CA TRP B 421 -7.51 -6.47 16.91
C TRP B 421 -8.11 -5.17 17.49
N LEU B 422 -7.40 -4.53 18.42
CA LEU B 422 -7.95 -3.31 19.01
C LEU B 422 -8.19 -2.24 17.95
N SER B 423 -7.28 -2.13 16.98
CA SER B 423 -7.51 -1.19 15.88
C SER B 423 -8.77 -1.54 15.13
N ILE B 424 -9.02 -2.84 14.92
CA ILE B 424 -10.24 -3.26 14.25
C ILE B 424 -11.46 -3.01 15.13
N LEU B 425 -11.35 -3.27 16.43
CA LEU B 425 -12.47 -2.98 17.33
C LEU B 425 -12.83 -1.51 17.28
N ALA B 426 -11.84 -0.62 17.31
CA ALA B 426 -12.16 0.80 17.30
C ALA B 426 -12.81 1.22 15.99
N THR B 427 -12.40 0.60 14.87
CA THR B 427 -12.99 0.95 13.58
C THR B 427 -14.40 0.41 13.46
N ARG B 428 -14.63 -0.80 13.93
CA ARG B 428 -15.90 -1.49 13.70
C ARG B 428 -16.97 -1.08 14.70
N LYS B 429 -16.58 -0.82 15.95
CA LYS B 429 -17.52 -0.48 17.03
C LYS B 429 -18.57 -1.58 17.21
N GLN B 430 -18.13 -2.83 17.13
CA GLN B 430 -18.90 -4.00 17.51
C GLN B 430 -18.06 -4.83 18.47
N SER B 431 -18.74 -5.68 19.24
CA SER B 431 -18.03 -6.60 20.11
C SER B 431 -17.21 -7.59 19.28
N VAL B 432 -16.29 -8.29 19.94
CA VAL B 432 -15.51 -9.30 19.24
C VAL B 432 -16.44 -10.34 18.62
N GLU B 433 -17.40 -10.83 19.40
CA GLU B 433 -18.28 -11.89 18.94
C GLU B 433 -19.11 -11.46 17.73
N ASP B 434 -19.63 -10.24 17.75
CA ASP B 434 -20.43 -9.77 16.62
C ASP B 434 -19.58 -9.53 15.39
N ILE B 435 -18.28 -9.22 15.55
CA ILE B 435 -17.41 -9.17 14.38
C ILE B 435 -17.22 -10.55 13.79
N LEU B 436 -17.03 -11.56 14.64
CA LEU B 436 -16.92 -12.93 14.15
C LEU B 436 -18.22 -13.38 13.50
N LYS B 437 -19.35 -13.08 14.13
CA LYS B 437 -20.64 -13.48 13.56
C LYS B 437 -20.84 -12.86 12.18
N ASP B 438 -20.52 -11.57 12.03
CA ASP B 438 -20.63 -10.94 10.72
C ASP B 438 -19.68 -11.59 9.72
N HIS B 439 -18.46 -11.89 10.16
CA HIS B 439 -17.50 -12.56 9.29
C HIS B 439 -18.05 -13.88 8.77
N TRP B 440 -18.58 -14.72 9.66
CA TRP B 440 -19.08 -16.03 9.24
C TRP B 440 -20.26 -15.89 8.29
N GLN B 441 -21.16 -14.94 8.54
CA GLN B 441 -22.24 -14.67 7.61
C GLN B 441 -21.68 -14.36 6.22
N LYS B 442 -20.66 -13.50 6.16
CA LYS B 442 -20.16 -13.04 4.88
C LYS B 442 -19.35 -14.13 4.16
N TYR B 443 -18.41 -14.77 4.84
CA TYR B 443 -17.50 -15.70 4.19
C TYR B 443 -17.84 -17.17 4.43
N GLY B 444 -18.86 -17.46 5.24
CA GLY B 444 -19.07 -18.81 5.73
C GLY B 444 -18.15 -19.03 6.91
N ARG B 445 -18.35 -20.10 7.68
CA ARG B 445 -17.49 -20.37 8.82
C ARG B 445 -16.63 -21.59 8.54
N ASN B 446 -15.34 -21.46 8.80
CA ASN B 446 -14.46 -22.62 8.80
C ASN B 446 -14.38 -23.08 10.25
N PHE B 447 -15.24 -24.03 10.61
CA PHE B 447 -15.13 -24.67 11.90
C PHE B 447 -13.78 -25.37 11.96
N PHE B 448 -13.14 -25.36 13.12
CA PHE B 448 -11.76 -25.81 13.17
C PHE B 448 -11.41 -26.38 14.54
N THR B 449 -10.81 -27.56 14.55
CA THR B 449 -10.17 -28.06 15.75
C THR B 449 -8.93 -28.83 15.35
N ARG B 450 -8.03 -29.00 16.32
CA ARG B 450 -6.81 -29.78 16.15
C ARG B 450 -6.70 -30.75 17.31
N TYR B 451 -6.64 -32.05 17.01
CA TYR B 451 -6.48 -33.10 18.00
C TYR B 451 -5.02 -33.55 18.02
N ASP B 452 -4.37 -33.42 19.18
CA ASP B 452 -3.01 -33.93 19.35
C ASP B 452 -3.08 -35.29 20.04
N TYR B 453 -2.37 -36.27 19.49
CA TYR B 453 -2.20 -37.60 20.08
C TYR B 453 -0.72 -37.72 20.43
N GLU B 454 -0.38 -37.49 21.70
CA GLU B 454 0.99 -37.23 22.09
C GLU B 454 1.72 -38.48 22.56
N GLU B 455 2.97 -38.62 22.11
CA GLU B 455 3.85 -39.71 22.52
C GLU B 455 3.22 -41.08 22.28
N VAL B 456 2.81 -41.30 21.05
CA VAL B 456 2.30 -42.60 20.64
C VAL B 456 3.47 -43.44 20.13
N GLU B 457 3.26 -44.75 20.05
CA GLU B 457 4.30 -45.64 19.53
C GLU B 457 4.70 -45.19 18.13
N ALA B 458 6.01 -45.01 17.93
CA ALA B 458 6.52 -44.62 16.62
C ALA B 458 6.06 -45.59 15.53
N GLU B 459 6.24 -46.89 15.78
CA GLU B 459 5.89 -47.89 14.78
C GLU B 459 4.44 -47.74 14.31
N GLY B 460 3.50 -47.68 15.25
CA GLY B 460 2.10 -47.62 14.87
C GLY B 460 1.74 -46.35 14.12
N ALA B 461 2.27 -45.20 14.57
CA ALA B 461 1.98 -43.94 13.90
C ALA B 461 2.59 -43.91 12.50
N ASN B 462 3.84 -44.35 12.36
CA ASN B 462 4.45 -44.45 11.03
C ASN B 462 3.65 -45.38 10.13
N LYS B 463 3.20 -46.52 10.68
CA LYS B 463 2.37 -47.42 9.90
C LYS B 463 1.05 -46.74 9.54
N MET B 464 0.42 -46.06 10.50
CA MET B 464 -0.83 -45.36 10.22
C MET B 464 -0.68 -44.41 9.04
N MET B 465 0.41 -43.62 9.03
CA MET B 465 0.59 -42.64 7.96
C MET B 465 0.88 -43.31 6.62
N LYS B 466 1.75 -44.33 6.61
CA LYS B 466 2.10 -45.00 5.36
C LYS B 466 0.88 -45.68 4.73
N ASP B 467 0.06 -46.33 5.56
CA ASP B 467 -1.13 -46.99 5.03
C ASP B 467 -2.15 -45.98 4.55
N LEU B 468 -2.30 -44.85 5.26
CA LEU B 468 -3.25 -43.84 4.83
C LEU B 468 -2.79 -43.15 3.55
N GLU B 469 -1.48 -42.87 3.44
CA GLU B 469 -0.97 -42.27 2.22
C GLU B 469 -1.17 -43.19 1.02
N ALA B 470 -0.92 -44.50 1.20
CA ALA B 470 -1.13 -45.46 0.11
C ALA B 470 -2.59 -45.51 -0.31
N LEU B 471 -3.51 -45.43 0.65
CA LEU B 471 -4.94 -45.41 0.35
C LEU B 471 -5.33 -44.16 -0.44
N MET B 472 -4.85 -42.98 0.00
CA MET B 472 -5.18 -41.74 -0.70
C MET B 472 -4.61 -41.72 -2.11
N PHE B 473 -3.47 -42.38 -2.32
CA PHE B 473 -2.80 -42.39 -3.60
C PHE B 473 -3.52 -43.26 -4.62
N ASP B 474 -4.44 -44.13 -4.19
CA ASP B 474 -5.09 -45.04 -5.11
C ASP B 474 -6.01 -44.29 -6.07
N ARG B 475 -5.90 -44.62 -7.37
CA ARG B 475 -6.56 -43.87 -8.45
C ARG B 475 -8.06 -43.67 -8.23
N SER B 476 -8.69 -44.51 -7.42
CA SER B 476 -10.13 -44.41 -7.18
C SER B 476 -10.47 -43.63 -5.92
N PHE B 477 -9.47 -43.11 -5.19
CA PHE B 477 -9.79 -42.51 -3.90
C PHE B 477 -10.48 -41.16 -4.07
N VAL B 478 -10.04 -40.37 -5.05
CA VAL B 478 -10.77 -39.17 -5.41
C VAL B 478 -12.17 -39.55 -5.88
N GLY B 479 -13.16 -38.78 -5.43
CA GLY B 479 -14.55 -39.04 -5.72
C GLY B 479 -15.23 -39.96 -4.72
N LYS B 480 -14.47 -40.70 -3.92
CA LYS B 480 -15.05 -41.56 -2.91
C LYS B 480 -15.85 -40.71 -1.92
N GLN B 481 -16.94 -41.28 -1.43
CA GLN B 481 -17.89 -40.56 -0.60
C GLN B 481 -17.83 -41.07 0.83
N PHE B 482 -17.72 -40.14 1.77
CA PHE B 482 -17.72 -40.45 3.20
C PHE B 482 -18.88 -39.73 3.87
N SER B 483 -19.56 -40.43 4.78
CA SER B 483 -20.66 -39.87 5.53
C SER B 483 -20.61 -40.37 6.96
N ALA B 484 -21.00 -39.51 7.90
CA ALA B 484 -21.10 -39.90 9.30
C ALA B 484 -22.53 -39.70 9.77
N ASN B 485 -22.87 -38.46 10.12
CA ASN B 485 -24.20 -38.12 10.62
C ASN B 485 -25.03 -37.62 9.44
N ASP B 486 -25.77 -36.52 9.55
CA ASP B 486 -26.53 -36.01 8.41
C ASP B 486 -25.66 -35.52 7.27
N LYS B 487 -24.33 -35.64 7.39
CA LYS B 487 -23.39 -35.04 6.46
C LYS B 487 -22.73 -36.12 5.59
N VAL B 488 -22.38 -35.74 4.36
CA VAL B 488 -21.66 -36.60 3.42
C VAL B 488 -20.63 -35.76 2.66
N TYR B 489 -19.37 -36.18 2.69
CA TYR B 489 -18.27 -35.47 2.07
C TYR B 489 -17.76 -36.25 0.88
N THR B 490 -17.33 -35.55 -0.18
CA THR B 490 -16.77 -36.19 -1.36
C THR B 490 -15.34 -35.73 -1.57
N VAL B 491 -14.43 -36.66 -1.82
CA VAL B 491 -13.01 -36.32 -1.94
C VAL B 491 -12.78 -35.60 -3.25
N GLU B 492 -12.29 -34.36 -3.17
CA GLU B 492 -11.84 -33.60 -4.32
C GLU B 492 -10.39 -33.90 -4.66
N LYS B 493 -9.55 -34.03 -3.63
CA LYS B 493 -8.11 -34.18 -3.80
C LYS B 493 -7.54 -34.77 -2.52
N ALA B 494 -6.49 -35.59 -2.68
CA ALA B 494 -5.80 -36.15 -1.53
C ALA B 494 -4.33 -36.37 -1.88
N ASP B 495 -3.42 -35.78 -1.11
CA ASP B 495 -2.00 -35.92 -1.38
C ASP B 495 -1.20 -35.85 -0.08
N ASN B 496 0.10 -36.03 -0.21
CA ASN B 496 1.06 -35.70 0.84
C ASN B 496 1.64 -34.35 0.47
N PHE B 497 1.35 -33.34 1.28
CA PHE B 497 1.58 -31.96 0.90
C PHE B 497 3.03 -31.69 0.53
N GLU B 498 3.21 -31.07 -0.62
CA GLU B 498 4.52 -30.71 -1.16
C GLU B 498 4.49 -29.23 -1.53
N TYR B 499 5.62 -28.56 -1.34
CA TYR B 499 5.68 -27.12 -1.59
C TYR B 499 7.05 -26.75 -2.13
N SER B 500 7.05 -26.07 -3.28
CA SER B 500 8.29 -25.62 -3.92
C SER B 500 8.47 -24.17 -3.59
N ASP B 501 9.42 -23.86 -2.73
CA ASP B 501 9.64 -22.51 -2.27
C ASP B 501 9.99 -21.60 -3.44
N PRO B 502 9.20 -20.57 -3.73
CA PRO B 502 9.42 -19.76 -4.92
C PRO B 502 10.58 -18.79 -4.81
N VAL B 503 11.19 -18.67 -3.63
CA VAL B 503 12.28 -17.73 -3.41
C VAL B 503 13.62 -18.46 -3.30
N ASP B 504 13.71 -19.49 -2.45
CA ASP B 504 14.96 -20.21 -2.30
C ASP B 504 14.96 -21.56 -3.04
N GLY B 505 13.96 -21.80 -3.89
CA GLY B 505 13.96 -22.96 -4.77
C GLY B 505 13.87 -24.32 -4.08
N SER B 506 13.83 -24.31 -2.76
CA SER B 506 13.78 -25.57 -2.03
C SER B 506 12.45 -26.26 -2.24
N ILE B 507 12.48 -27.59 -2.24
CA ILE B 507 11.28 -28.41 -2.27
C ILE B 507 11.14 -29.08 -0.92
N SER B 508 9.98 -28.90 -0.29
CA SER B 508 9.68 -29.53 1.00
C SER B 508 8.57 -30.53 0.75
N ARG B 509 8.85 -31.79 1.08
CA ARG B 509 7.99 -32.92 0.73
C ARG B 509 7.48 -33.55 2.01
N ASN B 510 6.41 -34.32 1.89
CA ASN B 510 5.88 -35.08 3.02
C ASN B 510 5.52 -34.14 4.17
N GLN B 511 4.78 -33.08 3.83
CA GLN B 511 4.42 -32.06 4.79
C GLN B 511 3.05 -32.27 5.39
N GLY B 512 2.38 -33.36 5.08
CA GLY B 512 1.06 -33.58 5.63
C GLY B 512 0.12 -34.26 4.67
N LEU B 513 -0.58 -35.30 5.13
CA LEU B 513 -1.60 -35.93 4.32
C LEU B 513 -2.83 -35.06 4.34
N ARG B 514 -3.29 -34.64 3.16
CA ARG B 514 -4.44 -33.76 3.04
C ARG B 514 -5.59 -34.50 2.40
N LEU B 515 -6.74 -34.50 3.05
CA LEU B 515 -7.99 -34.96 2.47
CA LEU B 515 -7.98 -34.97 2.46
C LEU B 515 -8.80 -33.71 2.16
N ILE B 516 -8.86 -33.34 0.89
CA ILE B 516 -9.53 -32.10 0.48
C ILE B 516 -10.86 -32.48 -0.15
N PHE B 517 -11.95 -32.00 0.44
CA PHE B 517 -13.28 -32.35 -0.01
C PHE B 517 -13.88 -31.26 -0.91
N THR B 518 -15.00 -31.63 -1.56
CA THR B 518 -15.61 -30.77 -2.59
C THR B 518 -16.27 -29.53 -2.00
N ASP B 519 -16.55 -29.52 -0.70
CA ASP B 519 -17.30 -28.43 -0.09
C ASP B 519 -16.40 -27.42 0.61
N GLY B 520 -15.08 -27.47 0.38
CA GLY B 520 -14.18 -26.60 1.10
C GLY B 520 -13.71 -27.12 2.44
N SER B 521 -14.05 -28.34 2.79
CA SER B 521 -13.60 -28.93 4.04
C SER B 521 -12.36 -29.79 3.81
N ARG B 522 -11.58 -30.01 4.87
CA ARG B 522 -10.35 -30.77 4.76
C ARG B 522 -10.08 -31.53 6.05
N ILE B 523 -9.40 -32.66 5.93
CA ILE B 523 -8.78 -33.37 7.04
C ILE B 523 -7.28 -33.40 6.74
N VAL B 524 -6.47 -33.10 7.75
CA VAL B 524 -5.01 -33.11 7.59
C VAL B 524 -4.38 -33.93 8.72
N PHE B 525 -3.46 -34.83 8.37
CA PHE B 525 -2.64 -35.56 9.32
C PHE B 525 -1.18 -35.17 9.15
N ARG B 526 -0.50 -34.94 10.28
CA ARG B 526 0.93 -34.66 10.28
C ARG B 526 1.56 -35.42 11.42
N LEU B 527 2.85 -35.75 11.26
CA LEU B 527 3.65 -36.28 12.35
C LEU B 527 4.54 -35.18 12.91
N SER B 528 4.51 -35.02 14.24
CA SER B 528 5.14 -33.87 14.87
C SER B 528 6.66 -33.98 14.79
N GLY B 529 7.30 -32.87 14.39
CA GLY B 529 8.74 -32.77 14.27
C GLY B 529 9.49 -32.15 15.43
N THR B 530 8.79 -31.61 16.44
CA THR B 530 9.41 -31.12 17.67
C THR B 530 9.15 -32.08 18.83
N GLY B 531 9.04 -33.38 18.54
CA GLY B 531 8.61 -34.34 19.53
C GLY B 531 9.73 -34.78 20.46
N SER B 532 9.36 -35.07 21.70
CA SER B 532 10.31 -35.60 22.67
C SER B 532 10.45 -37.11 22.51
N ALA B 533 9.44 -37.87 22.96
CA ALA B 533 9.46 -39.32 22.91
C ALA B 533 8.46 -39.83 21.87
N GLY B 534 8.78 -40.98 21.29
CA GLY B 534 7.93 -41.61 20.29
C GLY B 534 7.52 -40.64 19.21
N ALA B 535 6.28 -40.78 18.75
CA ALA B 535 5.70 -39.88 17.77
C ALA B 535 4.64 -39.01 18.43
N THR B 536 4.21 -37.99 17.69
CA THR B 536 3.04 -37.21 18.09
C THR B 536 2.23 -36.95 16.83
N ILE B 537 0.97 -37.39 16.83
CA ILE B 537 0.10 -37.24 15.67
C ILE B 537 -0.74 -36.00 15.86
N ARG B 538 -0.82 -35.18 14.82
CA ARG B 538 -1.65 -33.98 14.82
C ARG B 538 -2.69 -34.10 13.73
N LEU B 539 -3.95 -34.15 14.13
CA LEU B 539 -5.07 -34.28 13.21
C LEU B 539 -5.85 -32.96 13.19
N TYR B 540 -5.91 -32.34 12.02
CA TYR B 540 -6.61 -31.06 11.84
C TYR B 540 -7.91 -31.30 11.11
N ILE B 541 -8.99 -30.68 11.59
CA ILE B 541 -10.31 -30.78 10.98
C ILE B 541 -10.78 -29.38 10.59
N ASP B 542 -11.02 -29.17 9.29
CA ASP B 542 -11.46 -27.89 8.74
C ASP B 542 -12.84 -28.12 8.14
N SER B 543 -13.91 -27.81 8.88
CA SER B 543 -15.28 -28.08 8.43
C SER B 543 -15.92 -26.77 7.98
N TYR B 544 -16.00 -26.57 6.67
CA TYR B 544 -16.59 -25.36 6.12
C TYR B 544 -18.11 -25.46 6.11
N GLU B 545 -18.78 -24.35 6.46
CA GLU B 545 -20.23 -24.26 6.51
C GLU B 545 -20.65 -22.90 5.96
N LYS B 546 -21.48 -22.90 4.92
CA LYS B 546 -22.01 -21.65 4.38
C LYS B 546 -23.43 -21.37 4.83
N ASP B 547 -24.24 -22.41 5.03
CA ASP B 547 -25.64 -22.26 5.37
C ASP B 547 -25.80 -21.52 6.69
N VAL B 548 -26.53 -20.41 6.66
CA VAL B 548 -26.70 -19.53 7.82
C VAL B 548 -27.41 -20.23 8.99
N ALA B 549 -28.22 -21.24 8.71
CA ALA B 549 -28.76 -22.04 9.81
C ALA B 549 -27.68 -22.82 10.57
N LYS B 550 -26.47 -22.94 10.01
CA LYS B 550 -25.45 -23.81 10.58
C LYS B 550 -24.24 -23.08 11.14
N ILE B 551 -23.91 -21.88 10.64
CA ILE B 551 -22.67 -21.22 11.03
C ILE B 551 -22.60 -20.90 12.52
N ASN B 552 -23.70 -21.05 13.27
CA ASN B 552 -23.70 -20.72 14.68
C ASN B 552 -23.99 -21.91 15.58
N GLN B 553 -23.94 -23.13 15.06
CA GLN B 553 -24.11 -24.29 15.92
C GLN B 553 -22.82 -24.58 16.68
N ASP B 554 -22.92 -25.51 17.63
CA ASP B 554 -21.77 -25.80 18.50
C ASP B 554 -20.65 -26.41 17.68
N PRO B 555 -19.41 -25.92 17.81
CA PRO B 555 -18.31 -26.47 17.00
C PRO B 555 -18.12 -27.97 17.14
N GLN B 556 -18.24 -28.52 18.36
CA GLN B 556 -18.03 -29.96 18.55
C GLN B 556 -19.04 -30.79 17.78
N VAL B 557 -20.26 -30.28 17.62
CA VAL B 557 -21.26 -30.97 16.81
C VAL B 557 -20.89 -30.88 15.34
N MET B 558 -20.51 -29.70 14.88
CA MET B 558 -20.29 -29.50 13.45
C MET B 558 -19.02 -30.21 12.99
N LEU B 559 -18.06 -30.39 13.88
CA LEU B 559 -16.81 -31.06 13.51
C LEU B 559 -16.88 -32.55 13.67
N ALA B 560 -17.84 -33.04 14.46
CA ALA B 560 -17.90 -34.47 14.77
C ALA B 560 -18.01 -35.36 13.53
N PRO B 561 -18.81 -35.03 12.48
CA PRO B 561 -18.79 -35.86 11.26
C PRO B 561 -17.40 -36.10 10.67
N LEU B 562 -16.66 -35.03 10.42
CA LEU B 562 -15.34 -35.19 9.82
C LEU B 562 -14.34 -35.84 10.79
N ILE B 563 -14.48 -35.61 12.09
CA ILE B 563 -13.64 -36.30 13.06
C ILE B 563 -13.85 -37.81 12.96
N SER B 564 -15.12 -38.22 12.85
CA SER B 564 -15.43 -39.65 12.69
C SER B 564 -14.79 -40.19 11.42
N ILE B 565 -14.96 -39.49 10.30
CA ILE B 565 -14.37 -39.93 9.03
C ILE B 565 -12.85 -40.05 9.16
N ALA B 566 -12.19 -39.02 9.72
CA ALA B 566 -10.74 -39.06 9.87
C ALA B 566 -10.30 -40.31 10.63
N LEU B 567 -10.95 -40.57 11.76
CA LEU B 567 -10.54 -41.70 12.59
C LEU B 567 -10.82 -43.04 11.90
N LYS B 568 -11.87 -43.12 11.08
CA LYS B 568 -12.17 -44.38 10.39
C LYS B 568 -11.19 -44.64 9.26
N VAL B 569 -11.01 -43.66 8.38
CA VAL B 569 -10.15 -43.85 7.21
C VAL B 569 -8.69 -44.06 7.62
N SER B 570 -8.26 -43.41 8.70
CA SER B 570 -6.86 -43.51 9.12
C SER B 570 -6.58 -44.75 9.95
N GLN B 571 -7.61 -45.37 10.52
CA GLN B 571 -7.43 -46.48 11.46
C GLN B 571 -6.58 -46.07 12.65
N LEU B 572 -6.70 -44.80 13.08
CA LEU B 572 -5.82 -44.28 14.12
C LEU B 572 -5.92 -45.09 15.41
N GLN B 573 -7.15 -45.45 15.82
CA GLN B 573 -7.31 -46.16 17.08
C GLN B 573 -6.60 -47.50 17.04
N GLU B 574 -6.76 -48.25 15.94
CA GLU B 574 -6.12 -49.55 15.82
C GLU B 574 -4.61 -49.42 15.77
N ARG B 575 -4.11 -48.40 15.08
CA ARG B 575 -2.67 -48.26 14.87
C ARG B 575 -1.95 -47.80 16.13
N THR B 576 -2.61 -47.00 16.97
CA THR B 576 -1.95 -46.34 18.10
C THR B 576 -2.53 -46.72 19.45
N GLY B 577 -3.71 -47.35 19.47
CA GLY B 577 -4.39 -47.65 20.73
C GLY B 577 -5.14 -46.49 21.34
N ARG B 578 -5.02 -45.27 20.81
CA ARG B 578 -5.65 -44.12 21.45
C ARG B 578 -7.13 -44.03 21.09
N THR B 579 -7.97 -43.88 22.11
CA THR B 579 -9.40 -43.67 21.94
C THR B 579 -9.80 -42.20 22.04
N ALA B 580 -8.87 -41.30 22.35
CA ALA B 580 -9.17 -39.88 22.42
C ALA B 580 -7.88 -39.10 22.28
N PRO B 581 -7.95 -37.84 21.86
CA PRO B 581 -6.74 -37.01 21.79
C PRO B 581 -6.20 -36.66 23.16
N THR B 582 -4.88 -36.50 23.22
CA THR B 582 -4.27 -35.93 24.42
C THR B 582 -4.72 -34.49 24.62
N VAL B 583 -4.63 -33.70 23.56
CA VAL B 583 -4.92 -32.27 23.61
C VAL B 583 -5.89 -31.94 22.49
N ILE B 584 -6.83 -31.04 22.77
CA ILE B 584 -7.75 -30.48 21.79
C ILE B 584 -7.61 -28.96 21.78
N THR B 585 -7.58 -28.38 20.59
CA THR B 585 -7.53 -26.93 20.44
C THR B 585 -8.65 -26.43 19.54
C1 G6P C . -4.60 24.34 -17.79
C2 G6P C . -4.50 23.02 -17.01
C3 G6P C . -5.07 23.04 -15.63
C4 G6P C . -4.82 24.27 -14.88
C5 G6P C . -5.09 25.52 -15.72
C6 G6P C . -4.67 26.69 -14.90
O1 G6P C . -5.87 24.47 -18.35
O2 G6P C . -5.22 22.01 -17.76
O3 G6P C . -4.42 21.95 -14.86
O4 G6P C . -5.71 24.31 -13.74
O5 G6P C . -4.31 25.52 -16.97
O6 G6P C . -5.12 27.81 -15.61
P G6P C . -5.12 29.34 -14.92
O1P G6P C . -5.64 30.22 -16.01
O2P G6P C . -3.71 29.78 -14.55
O3P G6P C . -6.06 29.43 -13.70
MG MG D . -6.58 18.26 -21.19
C1 G6P E . 7.36 -24.11 16.92
C2 G6P E . 6.82 -22.92 16.09
C3 G6P E . 5.55 -23.17 15.34
C4 G6P E . 5.40 -24.52 14.78
C5 G6P E . 5.94 -25.64 15.66
C6 G6P E . 6.03 -26.85 14.81
O1 G6P E . 6.65 -24.21 18.11
O2 G6P E . 6.59 -21.82 16.98
O3 G6P E . 5.53 -22.25 14.17
O4 G6P E . 3.98 -24.78 14.56
O5 G6P E . 7.28 -25.38 16.21
O6 G6P E . 5.83 -27.93 15.68
P G6P E . 5.20 -29.37 15.04
O1P G6P E . 5.94 -29.74 13.76
O2P G6P E . 3.67 -29.27 14.80
O3P G6P E . 5.45 -30.42 16.07
MG MG F . 6.86 -18.53 20.93
#